data_3J8F
#
_entry.id   3J8F
#
_cell.length_a   1.000
_cell.length_b   1.000
_cell.length_c   1.000
_cell.angle_alpha   90.00
_cell.angle_beta   90.00
_cell.angle_gamma   90.00
#
_symmetry.space_group_name_H-M   'P 1'
#
loop_
_entity.id
_entity.type
_entity.pdbx_description
1 polymer 'Capsid protein VP1'
2 polymer 'Capsid protein VP2'
3 polymer 'Capsid protein VP3'
4 polymer 'Capsid protein VP4'
5 polymer 'Poliovirus receptor'
6 branched beta-D-mannopyranose-(1-4)-2-acetamido-2-deoxy-beta-D-glucopyranose-(1-4)-2-acetamido-2-deoxy-beta-D-glucopyranose
7 branched beta-D-mannopyranose-(1-3)-beta-D-mannopyranose-(1-4)-2-acetamido-2-deoxy-beta-D-glucopyranose-(1-4)-[alpha-L-fucopyranose-(1-6)]2-acetamido-2-deoxy-beta-D-glucopyranose
8 branched 2-acetamido-2-deoxy-beta-D-glucopyranose-(1-4)-2-acetamido-2-deoxy-beta-D-glucopyranose
9 branched beta-D-mannopyranose-(1-4)-2-acetamido-2-deoxy-beta-D-glucopyranose-(1-4)-[alpha-L-fucopyranose-(1-6)]2-acetamido-2-deoxy-beta-D-glucopyranose
10 non-polymer 2-acetamido-2-deoxy-beta-D-glucopyranose
#
loop_
_entity_poly.entity_id
_entity_poly.type
_entity_poly.pdbx_seq_one_letter_code
_entity_poly.pdbx_strand_id
1 'polypeptide(L)'
;GLGQMLESMIDNTVRETVGAATSRDALPNTEASGPTHSKEIPALTAVETGATNPLVPSDTVQTRHVVQHRSRSESSIESF
FARGACVTIMTVDNPASTTNKDKLFAVWKITYKDTVQLRRKLEFFTYSRFDMELTFVVTANFTETNNGHALNQVYQIMYV
PPGAPVPEKWDDYTWQTSSNPSIFYTYGTAPARISVPYVGISNAYSHFYDGFSKVPLKDQSAALGDSLYGAASLNDFGIL
AVRVVNDHNPTKVTSKIRVYLKPKHIRVWCPRPPRAVAYYGPGVDYKDGTLTPLSTKDLTTY
;
1
2 'polypeptide(L)'
;SPNIEACGYSDRVLQLTLGNSTITTQEAANSVVAYGRWPEYLRDSEANPVDQPTEPDVAACRFYTLDTVSWTKESRGWWW
KLPDALRDMGLFGQNMYYHYLGRSGYTVHVQCNASKFHQGALGVFAVPEMCLAGDSNTTTMHTSYQNANPGEKGGTFTGT
FTPDNNQTSPARRFCPVDYLLGNGTLLGNAFVFPHQIINLRTNNCATLVLPYVNSLSIDSMVKHNNWGIAILPLAPLNFA
SESSPEIPITLTIAPMCCEFNGLRNITLPRLQ
;
2
3 'polypeptide(L)'
;GLPVMNTPGSNQYLTADNFQSPCALPEFDVTPPIDIPGEVKNMMELAEIDTMIPFDLSATKKNTMEMYRVRLSDKPHTDD
PILCLSLSPASDPRLSHTMLGEILNYYTHWAGSLKFTFLFCGSMMATGKLLVSYAPPGADPPKKRKEAMLGTHVIWDIGL
QSSCTMVVPWISNTTYRQTIDDSFTEGGYISVFYQTRIVVPLSTPREMDILGFVSACNDFSVRLLRDTTHIEQKALAQ
;
3
4 'polypeptide(L)' (MYR)GAQVSSQKVGAHENSNRAYGGSTINYTTINYYRDSASNAASKQDFSQDPSKFTEPIKDVLIKTAPMLN 4
5 'polypeptide(L)'
;MARAMAAAWPLLLVALLVLSWPPPGTGDVVVQAPTQVPGFLGDSVTLPCYLQVPNMEVTHVSQLTWARHGESGSMAVFHQ
TQGPSYSESKRLEFVAARLGAELRNASLRMFGLRVEDEGNYTCLFVTFPQGSRSVDIWLRVLAKPQNTAEVQKVQLTGEP
VPMARCVSTGGRPPAQITWHSDLGGMPNTSQVPGFLSGTVTVTSLWILVPSSQVDGKNVTCKVEHESFEKPQLLTVNLTV
YYPPEVSISGYDNNWYLGQNEATLTCDARSNPEPTGYNWSTTMGPLPPFAVAQGAQLLIRPVDKPINTTLICNVTNALGA
RQAELTVQVKEGPPSEHSGISRNAIIFLVLGILVFLILLGIGIYFYWSKCSREVLWHCHLCPSSTEHASASANGHVSYSA
VSRENSSSQDPQTEGTRHHHHHH
;
7
#
# COMPACT_ATOMS: atom_id res chain seq x y z
N ALA A 20 -29.66 4.28 -27.48
CA ALA A 20 -31.00 4.47 -26.90
C ALA A 20 -30.94 4.23 -25.41
N ALA A 21 -30.08 3.30 -24.99
CA ALA A 21 -29.95 3.00 -23.56
C ALA A 21 -29.19 4.14 -22.89
N THR A 22 -29.93 5.14 -22.43
CA THR A 22 -29.30 6.29 -21.78
C THR A 22 -28.92 5.98 -20.34
N SER A 23 -28.34 6.96 -19.66
CA SER A 23 -27.94 6.77 -18.28
C SER A 23 -29.16 6.78 -17.32
N ARG A 24 -30.21 7.52 -17.65
CA ARG A 24 -31.37 7.55 -16.76
C ARG A 24 -32.49 6.63 -17.17
N ASP A 25 -32.19 5.35 -17.37
CA ASP A 25 -33.20 4.37 -17.78
C ASP A 25 -33.82 3.74 -16.52
N ALA A 26 -33.52 2.48 -16.27
CA ALA A 26 -34.01 1.71 -15.13
C ALA A 26 -33.52 0.29 -15.31
N LEU A 27 -32.57 -0.12 -14.46
CA LEU A 27 -31.98 -1.45 -14.50
C LEU A 27 -32.96 -2.57 -14.88
N PRO A 28 -32.52 -3.49 -15.75
CA PRO A 28 -33.33 -4.63 -16.20
C PRO A 28 -34.12 -5.24 -15.05
N ASN A 29 -35.45 -5.11 -15.07
CA ASN A 29 -36.30 -5.68 -13.99
C ASN A 29 -36.05 -7.15 -13.69
N THR A 30 -35.95 -7.49 -12.39
CA THR A 30 -35.71 -8.86 -11.88
C THR A 30 -36.85 -9.85 -12.24
N GLU A 31 -36.56 -10.82 -13.11
CA GLU A 31 -37.55 -11.83 -13.53
C GLU A 31 -37.74 -12.92 -12.51
N ALA A 32 -38.96 -13.46 -12.43
CA ALA A 32 -39.29 -14.54 -11.46
C ALA A 32 -38.64 -15.87 -11.80
N SER A 33 -38.48 -16.75 -10.83
CA SER A 33 -37.86 -18.03 -11.14
C SER A 33 -38.06 -19.08 -10.05
N GLY A 34 -38.62 -20.26 -10.40
CA GLY A 34 -38.88 -21.35 -9.43
C GLY A 34 -37.76 -22.36 -9.28
N PRO A 35 -38.05 -23.57 -8.71
CA PRO A 35 -37.06 -24.63 -8.51
C PRO A 35 -36.28 -24.97 -9.80
N THR A 36 -35.42 -26.00 -9.77
CA THR A 36 -34.62 -26.42 -10.95
C THR A 36 -33.88 -27.75 -10.69
N HIS A 37 -33.21 -28.32 -11.70
CA HIS A 37 -32.49 -29.59 -11.53
C HIS A 37 -31.80 -29.83 -12.88
N SER A 38 -31.65 -28.76 -13.66
CA SER A 38 -31.02 -28.78 -15.00
C SER A 38 -29.53 -29.03 -15.09
N LYS A 39 -29.09 -29.49 -16.26
CA LYS A 39 -27.69 -29.76 -16.49
C LYS A 39 -27.05 -28.43 -16.84
N GLU A 40 -27.83 -27.34 -16.72
CA GLU A 40 -27.38 -25.96 -17.01
C GLU A 40 -26.54 -25.64 -15.76
N ILE A 41 -25.36 -25.07 -15.92
CA ILE A 41 -24.56 -24.77 -14.72
C ILE A 41 -24.16 -23.32 -14.52
N PRO A 42 -25.15 -22.40 -14.42
CA PRO A 42 -24.83 -20.98 -14.22
C PRO A 42 -23.80 -20.69 -13.12
N ALA A 43 -24.08 -21.12 -11.89
CA ALA A 43 -23.18 -20.91 -10.74
C ALA A 43 -21.64 -21.12 -10.90
N LEU A 44 -21.24 -22.16 -11.63
CA LEU A 44 -19.82 -22.49 -11.86
C LEU A 44 -19.18 -21.60 -12.95
N THR A 45 -18.05 -20.98 -12.63
CA THR A 45 -17.31 -20.09 -13.55
C THR A 45 -16.04 -20.81 -13.94
N ALA A 46 -14.91 -20.08 -13.84
CA ALA A 46 -13.53 -20.47 -14.13
C ALA A 46 -12.89 -19.15 -14.57
N VAL A 47 -12.39 -18.41 -13.58
CA VAL A 47 -11.73 -17.10 -13.78
C VAL A 47 -10.53 -16.97 -14.73
N GLU A 48 -9.97 -18.10 -15.16
CA GLU A 48 -8.84 -18.08 -16.07
C GLU A 48 -9.24 -17.32 -17.33
N THR A 49 -10.44 -17.60 -17.83
CA THR A 49 -10.94 -16.93 -19.04
C THR A 49 -10.95 -15.41 -18.89
N GLY A 50 -10.77 -14.91 -17.68
CA GLY A 50 -10.78 -13.48 -17.47
C GLY A 50 -12.20 -12.95 -17.56
N ALA A 51 -13.08 -13.70 -18.19
CA ALA A 51 -14.44 -13.24 -18.32
C ALA A 51 -15.12 -13.48 -16.95
N THR A 52 -15.99 -12.55 -16.54
CA THR A 52 -16.73 -12.62 -15.26
C THR A 52 -18.17 -13.10 -15.51
N ASN A 53 -18.59 -14.24 -14.92
CA ASN A 53 -19.99 -14.76 -15.13
C ASN A 53 -21.07 -13.74 -14.94
N PRO A 54 -21.79 -13.40 -16.00
CA PRO A 54 -22.82 -12.41 -15.76
C PRO A 54 -24.05 -13.03 -15.09
N LEU A 55 -23.87 -13.64 -13.93
CA LEU A 55 -24.97 -14.26 -13.22
C LEU A 55 -25.85 -13.22 -12.59
N VAL A 56 -27.15 -13.33 -12.82
CA VAL A 56 -28.14 -12.40 -12.27
C VAL A 56 -28.69 -13.02 -10.99
N PRO A 57 -29.20 -12.19 -10.04
CA PRO A 57 -29.74 -12.77 -8.80
C PRO A 57 -30.63 -13.95 -9.09
N SER A 58 -31.37 -13.85 -10.20
CA SER A 58 -32.30 -14.87 -10.67
C SER A 58 -31.74 -16.31 -10.84
N ASP A 59 -30.41 -16.45 -10.75
CA ASP A 59 -29.74 -17.75 -10.90
C ASP A 59 -29.46 -18.60 -9.65
N THR A 60 -28.80 -18.02 -8.64
CA THR A 60 -28.51 -18.78 -7.42
C THR A 60 -29.55 -18.51 -6.33
N VAL A 61 -30.80 -18.85 -6.59
CA VAL A 61 -31.93 -18.67 -5.68
C VAL A 61 -33.20 -18.47 -6.49
N GLN A 62 -34.36 -18.65 -5.84
CA GLN A 62 -35.63 -18.47 -6.53
C GLN A 62 -36.01 -16.98 -6.30
N THR A 63 -36.07 -16.22 -7.38
CA THR A 63 -36.42 -14.80 -7.28
C THR A 63 -37.86 -14.49 -7.68
N ARG A 64 -38.42 -13.39 -7.17
CA ARG A 64 -39.79 -12.97 -7.48
C ARG A 64 -39.70 -11.99 -8.65
N HIS A 65 -40.82 -11.44 -9.12
CA HIS A 65 -40.72 -10.49 -10.24
C HIS A 65 -40.66 -9.00 -9.84
N VAL A 66 -39.52 -8.52 -9.33
CA VAL A 66 -39.36 -7.10 -8.92
C VAL A 66 -39.28 -6.13 -10.13
N VAL A 67 -40.08 -5.05 -10.09
CA VAL A 67 -40.14 -4.02 -11.15
C VAL A 67 -39.17 -2.88 -10.83
N GLN A 68 -37.87 -3.20 -10.85
CA GLN A 68 -36.74 -2.25 -10.57
C GLN A 68 -36.79 -0.82 -11.13
N HIS A 69 -36.98 0.18 -10.26
CA HIS A 69 -37.04 1.58 -10.71
C HIS A 69 -35.68 2.27 -10.75
N ARG A 70 -34.77 1.93 -9.81
CA ARG A 70 -33.42 2.52 -9.76
C ARG A 70 -32.66 2.66 -11.11
N SER A 71 -31.98 3.78 -11.31
CA SER A 71 -31.22 4.01 -12.55
C SER A 71 -29.82 4.56 -12.23
N ARG A 72 -28.87 4.25 -13.12
CA ARG A 72 -27.49 4.68 -12.98
C ARG A 72 -27.27 6.12 -13.40
N SER A 73 -28.34 6.88 -13.57
CA SER A 73 -28.26 8.27 -13.99
C SER A 73 -27.24 9.15 -13.26
N GLU A 74 -26.80 8.76 -12.06
CA GLU A 74 -25.83 9.57 -11.33
C GLU A 74 -24.41 9.08 -11.39
N SER A 75 -24.20 7.80 -11.60
CA SER A 75 -22.85 7.29 -11.67
C SER A 75 -22.21 7.47 -13.06
N SER A 76 -22.97 7.94 -14.04
CA SER A 76 -22.47 8.16 -15.43
C SER A 76 -21.16 8.93 -15.43
N ILE A 77 -20.25 8.59 -16.35
CA ILE A 77 -18.94 9.27 -16.44
C ILE A 77 -19.04 10.80 -16.34
N GLU A 78 -20.12 11.36 -16.88
CA GLU A 78 -20.35 12.80 -16.86
C GLU A 78 -20.63 13.32 -15.44
N SER A 79 -21.52 12.62 -14.74
CA SER A 79 -21.90 13.00 -13.38
C SER A 79 -20.87 12.72 -12.32
N PHE A 80 -19.99 11.76 -12.54
CA PHE A 80 -18.96 11.44 -11.54
C PHE A 80 -18.14 12.76 -11.35
N PHE A 81 -17.81 13.40 -12.48
CA PHE A 81 -17.06 14.64 -12.53
C PHE A 81 -18.03 15.83 -12.71
N ALA A 82 -19.16 15.82 -11.98
CA ALA A 82 -20.15 16.93 -12.09
C ALA A 82 -19.89 18.09 -11.16
N ARG A 83 -19.14 17.82 -10.09
CA ARG A 83 -18.78 18.82 -9.08
C ARG A 83 -17.47 19.47 -9.57
N GLY A 84 -17.21 20.72 -9.18
CA GLY A 84 -15.99 21.44 -9.59
C GLY A 84 -14.91 21.43 -8.51
N ALA A 85 -13.84 20.66 -8.71
CA ALA A 85 -12.76 20.59 -7.74
C ALA A 85 -11.72 21.72 -7.77
N CYS A 86 -11.09 21.96 -6.62
CA CYS A 86 -10.06 23.00 -6.43
C CYS A 86 -8.69 22.59 -6.91
N VAL A 87 -8.29 22.98 -8.12
CA VAL A 87 -6.97 22.61 -8.62
C VAL A 87 -5.76 23.29 -7.97
N THR A 88 -5.94 24.50 -7.42
CA THR A 88 -4.84 25.27 -6.76
C THR A 88 -5.29 26.59 -6.08
N ILE A 89 -4.43 27.13 -5.21
CA ILE A 89 -4.69 28.38 -4.47
C ILE A 89 -3.53 29.27 -4.95
N MET A 90 -3.73 30.59 -5.03
CA MET A 90 -2.65 31.46 -5.49
C MET A 90 -2.47 32.75 -4.67
N THR A 91 -1.44 32.83 -3.83
CA THR A 91 -1.24 34.04 -3.03
C THR A 91 -0.58 35.20 -3.79
N VAL A 92 -1.15 36.39 -3.67
CA VAL A 92 -0.65 37.62 -4.34
C VAL A 92 -0.90 38.80 -3.38
N ASP A 93 -0.04 39.82 -3.36
CA ASP A 93 -0.32 40.95 -2.43
C ASP A 93 0.16 42.32 -2.91
N ASN A 94 -0.61 43.35 -2.59
CA ASN A 94 -0.28 44.70 -2.98
C ASN A 94 0.26 45.43 -1.75
N PRO A 95 1.60 45.68 -1.70
CA PRO A 95 2.24 46.39 -0.58
C PRO A 95 2.35 47.90 -0.83
N ALA A 96 2.76 48.66 0.19
CA ALA A 96 2.93 50.13 0.11
C ALA A 96 4.00 50.48 -0.93
N SER A 97 3.92 51.65 -1.57
CA SER A 97 4.96 51.97 -2.57
C SER A 97 6.39 51.85 -2.03
N THR A 98 6.53 52.35 -0.80
CA THR A 98 7.76 52.38 -0.04
C THR A 98 8.30 51.01 0.32
N THR A 99 7.66 49.96 -0.18
CA THR A 99 8.16 48.63 0.14
C THR A 99 9.49 48.36 -0.56
N ASN A 100 10.43 47.92 0.25
CA ASN A 100 11.79 47.57 -0.15
C ASN A 100 11.84 46.27 -1.02
N LYS A 101 10.79 45.46 -0.87
CA LYS A 101 10.63 44.20 -1.58
C LYS A 101 9.76 44.46 -2.82
N ASP A 102 9.93 43.64 -3.86
CA ASP A 102 9.14 43.79 -5.09
C ASP A 102 7.71 43.34 -4.81
N LYS A 103 6.73 43.91 -5.50
CA LYS A 103 5.28 43.56 -5.34
C LYS A 103 4.89 42.14 -5.82
N LEU A 104 4.35 41.32 -4.92
CA LEU A 104 3.95 39.92 -5.22
C LEU A 104 2.77 39.60 -6.19
N PHE A 105 3.13 38.94 -7.31
CA PHE A 105 2.19 38.53 -8.37
C PHE A 105 2.50 37.04 -8.56
N ALA A 106 1.61 36.15 -8.12
CA ALA A 106 1.79 34.70 -8.23
C ALA A 106 1.62 34.21 -9.66
N VAL A 107 2.29 33.11 -10.00
CA VAL A 107 2.20 32.56 -11.32
C VAL A 107 2.14 31.02 -11.26
N TRP A 108 0.94 30.43 -11.40
CA TRP A 108 0.73 28.96 -11.37
C TRP A 108 0.57 28.26 -12.70
N LYS A 109 1.37 27.21 -12.88
CA LYS A 109 1.38 26.41 -14.10
C LYS A 109 0.22 25.45 -14.19
N ILE A 110 -0.71 25.76 -15.09
CA ILE A 110 -1.90 24.92 -15.28
C ILE A 110 -1.60 23.44 -15.36
N THR A 111 -2.07 22.72 -14.35
CA THR A 111 -1.89 21.28 -14.21
C THR A 111 -2.62 20.80 -12.97
N TYR A 112 -3.69 20.05 -13.18
CA TYR A 112 -4.51 19.49 -12.08
C TYR A 112 -3.74 18.80 -10.95
N LYS A 113 -2.67 18.11 -11.32
CA LYS A 113 -1.78 17.36 -10.40
C LYS A 113 -1.24 18.00 -9.09
N ASP A 114 -1.86 19.09 -8.63
CA ASP A 114 -1.42 19.77 -7.39
C ASP A 114 -2.12 19.34 -6.10
N THR A 115 -3.35 18.83 -6.21
CA THR A 115 -4.09 18.39 -5.04
C THR A 115 -4.60 17.00 -5.30
N VAL A 116 -4.57 16.19 -4.26
CA VAL A 116 -5.01 14.80 -4.26
C VAL A 116 -6.41 14.50 -4.80
N GLN A 117 -7.43 15.23 -4.35
CA GLN A 117 -8.82 15.01 -4.81
C GLN A 117 -9.11 14.80 -6.31
N LEU A 118 -9.20 15.87 -7.12
CA LEU A 118 -9.46 15.73 -8.57
C LEU A 118 -8.44 14.81 -9.22
N ARG A 119 -7.22 14.78 -8.67
CA ARG A 119 -6.15 13.93 -9.21
C ARG A 119 -6.41 12.45 -9.01
N ARG A 120 -7.26 12.04 -8.07
CA ARG A 120 -7.42 10.60 -7.98
C ARG A 120 -8.58 10.21 -8.92
N LYS A 121 -9.62 11.05 -8.96
CA LYS A 121 -10.78 10.81 -9.82
C LYS A 121 -10.26 10.62 -11.25
N LEU A 122 -9.60 11.64 -11.81
CA LEU A 122 -9.06 11.50 -13.18
C LEU A 122 -8.20 10.26 -13.34
N GLU A 123 -7.30 10.02 -12.38
CA GLU A 123 -6.42 8.87 -12.45
C GLU A 123 -6.99 7.46 -12.56
N PHE A 124 -8.32 7.30 -12.50
CA PHE A 124 -8.89 5.93 -12.63
C PHE A 124 -8.80 5.57 -14.11
N PHE A 125 -8.78 6.58 -14.97
CA PHE A 125 -8.70 6.33 -16.38
C PHE A 125 -7.39 6.70 -17.05
N THR A 126 -7.00 5.86 -17.99
CA THR A 126 -5.76 6.04 -18.74
C THR A 126 -5.73 7.30 -19.61
N TYR A 127 -6.79 7.60 -20.36
CA TYR A 127 -6.81 8.79 -21.22
C TYR A 127 -8.07 9.60 -21.03
N SER A 128 -8.03 10.89 -21.33
CA SER A 128 -9.21 11.73 -21.18
C SER A 128 -9.29 12.96 -22.09
N ARG A 129 -10.50 13.24 -22.57
CA ARG A 129 -10.81 14.36 -23.44
C ARG A 129 -11.89 15.22 -22.77
N PHE A 130 -11.51 16.29 -22.10
CA PHE A 130 -12.51 17.15 -21.44
C PHE A 130 -12.37 18.65 -21.72
N ASP A 131 -13.46 19.40 -21.47
CA ASP A 131 -13.46 20.86 -21.68
C ASP A 131 -13.38 21.54 -20.30
N MET A 132 -12.16 21.91 -19.94
CA MET A 132 -11.83 22.57 -18.69
C MET A 132 -12.63 23.91 -18.50
N GLU A 133 -13.48 23.98 -17.47
CA GLU A 133 -14.30 25.18 -17.19
C GLU A 133 -13.94 25.93 -15.88
N LEU A 134 -12.73 26.50 -15.86
CA LEU A 134 -12.12 27.27 -14.73
C LEU A 134 -12.85 28.46 -14.09
N THR A 135 -13.15 28.37 -12.78
CA THR A 135 -13.84 29.44 -12.01
C THR A 135 -12.89 29.98 -10.93
N PHE A 136 -12.99 31.25 -10.54
CA PHE A 136 -12.09 31.84 -9.51
C PHE A 136 -12.74 32.51 -8.26
N VAL A 137 -12.60 31.93 -7.06
CA VAL A 137 -13.19 32.51 -5.84
C VAL A 137 -12.06 33.28 -5.16
N VAL A 138 -11.94 34.58 -5.47
CA VAL A 138 -10.89 35.45 -4.91
C VAL A 138 -11.26 36.10 -3.59
N THR A 139 -10.38 35.99 -2.59
CA THR A 139 -10.61 36.59 -1.24
C THR A 139 -9.51 37.62 -0.84
N ALA A 140 -9.61 38.27 0.34
CA ALA A 140 -8.55 39.26 0.72
C ALA A 140 -8.61 39.97 2.09
N ASN A 141 -7.48 39.99 2.82
CA ASN A 141 -7.42 40.65 4.14
C ASN A 141 -6.20 41.59 4.25
N PHE A 142 -6.23 42.51 5.24
CA PHE A 142 -5.14 43.48 5.47
C PHE A 142 -4.04 42.78 6.28
N THR A 143 -2.88 42.53 5.68
CA THR A 143 -1.79 41.86 6.41
C THR A 143 -1.44 42.34 7.84
N GLU A 144 -0.75 43.47 7.88
CA GLU A 144 -0.30 44.15 9.11
C GLU A 144 -1.31 44.65 10.12
N THR A 145 -0.84 44.61 11.36
CA THR A 145 -1.58 45.05 12.57
C THR A 145 -2.19 46.45 12.33
N ASN A 146 -1.42 47.30 11.63
CA ASN A 146 -1.81 48.66 11.29
C ASN A 146 -3.27 48.72 10.91
N ASN A 147 -3.91 49.78 11.36
CA ASN A 147 -5.30 49.99 11.08
C ASN A 147 -5.37 50.94 9.86
N GLY A 148 -5.58 50.36 8.68
CA GLY A 148 -5.66 51.09 7.38
C GLY A 148 -6.89 50.80 6.49
N HIS A 149 -6.99 51.47 5.34
CA HIS A 149 -8.11 51.29 4.40
C HIS A 149 -7.62 50.99 3.00
N ALA A 150 -8.51 50.43 2.16
CA ALA A 150 -8.15 50.08 0.77
C ALA A 150 -9.31 50.06 -0.20
N LEU A 151 -9.31 50.93 -1.22
CA LEU A 151 -10.41 50.95 -2.19
C LEU A 151 -10.46 49.67 -3.00
N ASN A 152 -11.64 49.03 -2.99
CA ASN A 152 -11.95 47.78 -3.69
C ASN A 152 -10.99 47.48 -4.85
N GLN A 153 -10.07 46.54 -4.63
CA GLN A 153 -9.08 46.12 -5.60
C GLN A 153 -9.68 45.39 -6.78
N VAL A 154 -8.96 45.38 -7.90
CA VAL A 154 -9.40 44.70 -9.14
C VAL A 154 -8.20 43.85 -9.54
N TYR A 155 -8.41 42.56 -9.82
CA TYR A 155 -7.32 41.63 -10.21
C TYR A 155 -7.33 41.29 -11.71
N GLN A 156 -6.15 40.94 -12.24
CA GLN A 156 -6.00 40.58 -13.66
C GLN A 156 -5.54 39.13 -13.62
N ILE A 157 -6.24 38.26 -14.35
CA ILE A 157 -5.89 36.86 -14.38
C ILE A 157 -5.55 36.57 -15.81
N MET A 158 -4.30 36.79 -16.18
CA MET A 158 -3.84 36.56 -17.55
C MET A 158 -3.39 35.15 -17.85
N TYR A 159 -3.98 34.55 -18.89
CA TYR A 159 -3.64 33.20 -19.32
C TYR A 159 -2.46 33.42 -20.25
N VAL A 160 -1.31 32.87 -19.90
CA VAL A 160 -0.10 33.03 -20.72
C VAL A 160 0.14 31.68 -21.38
N PRO A 161 -0.33 31.49 -22.64
CA PRO A 161 -0.21 30.25 -23.44
C PRO A 161 1.20 29.62 -23.50
N PRO A 162 1.27 28.27 -23.46
CA PRO A 162 2.52 27.52 -23.50
C PRO A 162 3.56 28.11 -24.44
N GLY A 163 4.63 28.66 -23.88
CA GLY A 163 5.68 29.27 -24.72
C GLY A 163 5.71 30.79 -24.76
N ALA A 164 4.62 31.42 -24.36
CA ALA A 164 4.55 32.86 -24.34
C ALA A 164 5.44 33.41 -23.23
N PRO A 165 5.77 34.71 -23.27
CA PRO A 165 6.64 35.19 -22.18
C PRO A 165 5.94 35.39 -20.81
N VAL A 166 6.42 34.64 -19.80
CA VAL A 166 5.92 34.67 -18.42
C VAL A 166 6.37 36.01 -17.81
N PRO A 167 5.45 36.76 -17.19
CA PRO A 167 5.70 38.07 -16.56
C PRO A 167 6.89 38.28 -15.57
N GLU A 168 7.81 39.19 -15.93
CA GLU A 168 8.99 39.53 -15.12
C GLU A 168 8.67 40.29 -13.81
N LYS A 169 8.43 41.60 -13.89
CA LYS A 169 8.10 42.45 -12.73
C LYS A 169 6.59 42.36 -12.54
N TRP A 170 5.99 43.09 -11.59
CA TRP A 170 4.53 42.97 -11.45
C TRP A 170 4.02 43.79 -12.60
N ASP A 171 4.46 45.05 -12.70
CA ASP A 171 4.02 45.91 -13.77
C ASP A 171 5.03 46.01 -14.90
N ASP A 172 4.96 45.08 -15.84
CA ASP A 172 5.87 45.06 -17.01
C ASP A 172 5.08 45.05 -18.33
N TYR A 173 5.76 44.98 -19.48
CA TYR A 173 5.00 44.98 -20.73
C TYR A 173 4.20 43.71 -20.91
N THR A 174 4.76 42.56 -20.51
CA THR A 174 4.06 41.26 -20.65
C THR A 174 2.55 41.35 -20.32
N TRP A 175 2.19 42.19 -19.35
CA TRP A 175 0.79 42.34 -18.98
C TRP A 175 -0.05 43.20 -19.96
N GLN A 176 0.57 43.78 -21.00
CA GLN A 176 -0.20 44.61 -21.99
C GLN A 176 -1.33 43.74 -22.56
N THR A 177 -1.08 42.43 -22.58
CA THR A 177 -2.00 41.37 -23.07
C THR A 177 -2.76 41.62 -24.38
N SER A 178 -2.03 41.88 -25.46
CA SER A 178 -2.63 42.15 -26.78
C SER A 178 -3.26 40.94 -27.41
N SER A 179 -2.76 39.77 -27.00
CA SER A 179 -3.24 38.48 -27.48
C SER A 179 -3.27 37.39 -26.41
N ASN A 180 -3.29 37.75 -25.13
CA ASN A 180 -3.33 36.76 -24.03
C ASN A 180 -4.64 36.72 -23.19
N PRO A 181 -5.57 35.83 -23.56
CA PRO A 181 -6.85 35.71 -22.85
C PRO A 181 -6.80 36.07 -21.36
N SER A 182 -7.18 37.28 -20.99
CA SER A 182 -7.14 37.69 -19.57
C SER A 182 -8.51 38.16 -18.99
N ILE A 183 -8.66 38.04 -17.66
CA ILE A 183 -9.89 38.43 -16.94
C ILE A 183 -9.59 39.44 -15.82
N PHE A 184 -10.35 40.53 -15.75
CA PHE A 184 -10.19 41.57 -14.73
C PHE A 184 -11.32 41.44 -13.70
N TYR A 185 -11.06 40.71 -12.61
CA TYR A 185 -12.04 40.49 -11.54
C TYR A 185 -12.08 41.62 -10.51
N THR A 186 -13.23 42.23 -10.29
CA THR A 186 -13.32 43.32 -9.32
C THR A 186 -13.59 42.60 -7.99
N TYR A 187 -12.87 42.93 -6.91
CA TYR A 187 -13.12 42.23 -5.63
C TYR A 187 -14.55 42.38 -5.16
N GLY A 188 -15.04 41.32 -4.51
CA GLY A 188 -16.40 41.26 -4.00
C GLY A 188 -17.41 41.35 -5.13
N THR A 189 -17.70 40.21 -5.75
CA THR A 189 -18.65 40.14 -6.87
C THR A 189 -18.77 38.68 -7.25
N ALA A 190 -19.72 38.33 -8.12
CA ALA A 190 -19.91 36.94 -8.55
C ALA A 190 -18.55 36.41 -9.05
N PRO A 191 -17.99 35.35 -8.39
CA PRO A 191 -16.69 34.72 -8.74
C PRO A 191 -16.51 34.44 -10.26
N ALA A 192 -15.44 34.97 -10.84
CA ALA A 192 -15.09 34.82 -12.26
C ALA A 192 -15.04 33.42 -12.85
N ARG A 193 -15.49 33.25 -14.10
CA ARG A 193 -15.51 31.95 -14.83
C ARG A 193 -15.22 31.99 -16.33
N ILE A 194 -14.25 31.18 -16.81
CA ILE A 194 -13.87 31.11 -18.25
C ILE A 194 -13.76 29.67 -18.78
N SER A 195 -14.63 29.26 -19.70
CA SER A 195 -14.54 27.90 -20.24
C SER A 195 -13.43 27.75 -21.29
N VAL A 196 -12.70 26.63 -21.23
CA VAL A 196 -11.59 26.30 -22.13
C VAL A 196 -11.87 24.95 -22.84
N PRO A 197 -11.77 24.90 -24.19
CA PRO A 197 -12.02 23.64 -24.94
C PRO A 197 -10.80 22.71 -24.92
N TYR A 198 -10.97 21.42 -25.24
CA TYR A 198 -9.81 20.51 -25.24
C TYR A 198 -8.52 21.14 -25.88
N VAL A 199 -7.65 21.73 -25.06
CA VAL A 199 -6.45 22.32 -25.62
C VAL A 199 -5.28 21.34 -25.74
N GLY A 200 -5.56 20.06 -25.95
CA GLY A 200 -4.49 19.07 -26.06
C GLY A 200 -3.87 18.93 -27.43
N ILE A 201 -2.57 18.63 -27.47
CA ILE A 201 -1.86 18.47 -28.73
C ILE A 201 -2.25 17.15 -29.33
N SER A 202 -2.57 16.18 -28.49
CA SER A 202 -2.96 14.85 -28.95
C SER A 202 -4.44 14.71 -29.06
N ASN A 203 -4.94 13.49 -28.91
CA ASN A 203 -6.39 13.23 -28.99
C ASN A 203 -7.06 12.82 -27.66
N ALA A 204 -6.39 13.13 -26.55
CA ALA A 204 -6.85 12.84 -25.21
C ALA A 204 -5.68 13.20 -24.31
N TYR A 205 -5.96 13.82 -23.16
CA TYR A 205 -4.87 14.17 -22.26
C TYR A 205 -4.45 12.85 -21.63
N SER A 206 -3.19 12.48 -21.77
CA SER A 206 -2.71 11.24 -21.20
C SER A 206 -2.38 11.35 -19.70
N HIS A 207 -3.32 10.90 -18.86
CA HIS A 207 -3.15 10.93 -17.43
C HIS A 207 -1.89 10.16 -16.99
N PHE A 208 -1.39 9.27 -17.85
CA PHE A 208 -0.19 8.44 -17.58
C PHE A 208 0.71 8.23 -18.81
N TYR A 209 1.81 8.96 -18.89
CA TYR A 209 2.72 8.81 -20.03
C TYR A 209 3.95 7.95 -19.78
N ASP A 210 3.97 6.76 -20.37
CA ASP A 210 5.10 5.81 -20.23
C ASP A 210 6.12 6.02 -21.35
N GLY A 211 7.31 6.54 -21.04
CA GLY A 211 8.34 6.76 -22.07
C GLY A 211 8.92 8.16 -21.86
N PHE A 212 10.05 8.45 -22.51
CA PHE A 212 10.75 9.76 -22.41
C PHE A 212 10.54 10.80 -23.51
N SER A 213 10.84 12.06 -23.21
CA SER A 213 10.67 13.16 -24.19
C SER A 213 11.86 13.39 -25.12
N LYS A 214 12.95 12.66 -24.87
CA LYS A 214 14.18 12.76 -25.65
C LYS A 214 14.91 11.42 -25.49
N VAL A 215 15.13 10.69 -26.57
CA VAL A 215 15.82 9.39 -26.47
C VAL A 215 17.32 9.61 -26.37
N PRO A 216 18.03 8.85 -25.53
CA PRO A 216 19.46 9.11 -25.50
C PRO A 216 20.09 8.43 -26.71
N LEU A 217 21.04 9.12 -27.35
CA LEU A 217 21.77 8.62 -28.55
C LEU A 217 23.29 8.50 -28.32
N LYS A 218 23.86 7.30 -28.54
CA LYS A 218 25.31 7.04 -28.37
C LYS A 218 26.33 8.12 -28.83
N ASP A 219 26.08 8.74 -29.98
CA ASP A 219 26.96 9.78 -30.51
C ASP A 219 26.52 11.14 -29.91
N GLN A 220 26.58 11.23 -28.57
CA GLN A 220 26.22 12.41 -27.74
C GLN A 220 26.60 12.15 -26.29
N SER A 221 26.71 13.21 -25.49
CA SER A 221 27.07 13.08 -24.06
C SER A 221 25.85 12.65 -23.22
N ALA A 222 26.11 11.87 -22.18
CA ALA A 222 25.06 11.38 -21.29
C ALA A 222 24.07 12.48 -20.89
N ALA A 223 24.57 13.72 -20.82
CA ALA A 223 23.77 14.87 -20.45
C ALA A 223 22.95 15.36 -21.62
N LEU A 224 23.63 15.95 -22.62
CA LEU A 224 23.07 16.52 -23.88
C LEU A 224 21.73 15.93 -24.33
N GLY A 225 21.57 14.63 -24.07
CA GLY A 225 20.36 13.91 -24.42
C GLY A 225 19.80 13.04 -23.29
N ASP A 226 19.31 13.64 -22.22
CA ASP A 226 18.78 12.80 -21.16
C ASP A 226 17.33 13.24 -21.01
N SER A 227 16.71 13.09 -19.82
CA SER A 227 15.30 13.49 -19.60
C SER A 227 14.59 12.67 -18.50
N LEU A 228 13.56 13.24 -17.86
CA LEU A 228 12.79 12.58 -16.80
C LEU A 228 11.67 11.69 -17.32
N TYR A 229 11.53 10.49 -16.73
CA TYR A 229 10.51 9.50 -17.10
C TYR A 229 9.11 10.02 -16.83
N GLY A 230 8.18 9.70 -17.72
CA GLY A 230 6.80 10.14 -17.56
C GLY A 230 6.46 11.56 -18.03
N ALA A 231 7.46 12.42 -18.21
CA ALA A 231 7.24 13.81 -18.66
C ALA A 231 7.04 13.87 -20.17
N ALA A 232 6.03 14.61 -20.63
CA ALA A 232 5.76 14.74 -22.06
C ALA A 232 6.10 16.15 -22.53
N SER A 233 5.09 17.03 -22.64
CA SER A 233 5.27 18.43 -23.09
C SER A 233 5.66 19.40 -21.95
N LEU A 234 6.65 20.23 -22.25
CA LEU A 234 7.17 21.22 -21.32
C LEU A 234 6.07 22.08 -20.65
N ASN A 235 5.06 22.44 -21.43
CA ASN A 235 3.95 23.26 -20.93
C ASN A 235 2.66 22.85 -21.62
N ASP A 236 2.06 21.74 -21.19
CA ASP A 236 0.80 21.31 -21.83
C ASP A 236 -0.36 22.31 -21.81
N PHE A 237 -0.98 22.40 -20.63
CA PHE A 237 -2.11 23.25 -20.34
C PHE A 237 -1.82 24.76 -20.38
N GLY A 238 -0.68 25.17 -19.80
CA GLY A 238 -0.27 26.60 -19.75
C GLY A 238 0.04 27.18 -18.35
N ILE A 239 0.10 28.51 -18.26
CA ILE A 239 0.39 29.18 -16.99
C ILE A 239 -0.51 30.37 -16.71
N LEU A 240 -0.83 30.59 -15.42
CA LEU A 240 -1.70 31.72 -15.03
C LEU A 240 -0.98 32.81 -14.24
N ALA A 241 -0.95 34.00 -14.82
CA ALA A 241 -0.31 35.13 -14.21
C ALA A 241 -1.44 35.89 -13.56
N VAL A 242 -1.32 36.21 -12.27
CA VAL A 242 -2.36 36.95 -11.56
C VAL A 242 -1.76 38.11 -10.74
N ARG A 243 -2.01 39.38 -11.12
CA ARG A 243 -1.46 40.57 -10.38
C ARG A 243 -2.51 41.31 -9.56
N VAL A 244 -2.14 42.43 -8.93
CA VAL A 244 -3.13 43.16 -8.13
C VAL A 244 -3.62 44.48 -8.75
N VAL A 245 -3.39 44.62 -10.05
CA VAL A 245 -3.74 45.78 -10.92
C VAL A 245 -3.68 47.22 -10.35
N ASN A 246 -3.98 47.43 -9.08
CA ASN A 246 -3.93 48.77 -8.48
C ASN A 246 -2.50 49.09 -8.09
N ASP A 247 -2.21 50.32 -7.65
CA ASP A 247 -0.82 50.70 -7.26
C ASP A 247 -0.49 50.55 -5.78
N HIS A 248 0.80 50.52 -5.49
CA HIS A 248 1.28 50.40 -4.12
C HIS A 248 0.46 51.29 -3.14
N ASN A 249 -0.40 50.69 -2.31
CA ASN A 249 -1.25 51.42 -1.31
C ASN A 249 -0.74 51.27 0.13
N PRO A 250 -0.58 52.40 0.86
CA PRO A 250 -0.10 52.38 2.26
C PRO A 250 -0.49 51.15 3.10
N THR A 251 -1.74 50.68 2.95
CA THR A 251 -2.17 49.52 3.72
C THR A 251 -1.97 48.27 2.83
N LYS A 252 -0.95 47.47 3.16
CA LYS A 252 -0.61 46.24 2.43
C LYS A 252 -1.70 45.19 2.54
N VAL A 253 -2.30 44.82 1.40
CA VAL A 253 -3.39 43.80 1.38
C VAL A 253 -3.08 42.47 0.65
N THR A 254 -2.94 41.36 1.37
CA THR A 254 -2.66 40.10 0.67
C THR A 254 -3.96 39.43 0.22
N SER A 255 -3.94 38.76 -0.93
CA SER A 255 -5.13 38.08 -1.47
C SER A 255 -4.83 36.66 -1.89
N LYS A 256 -5.88 35.85 -2.02
CA LYS A 256 -5.71 34.46 -2.43
C LYS A 256 -6.75 34.11 -3.48
N ILE A 257 -6.30 33.64 -4.64
CA ILE A 257 -7.22 33.29 -5.71
C ILE A 257 -7.37 31.77 -5.91
N ARG A 258 -8.35 31.15 -5.24
CA ARG A 258 -8.60 29.69 -5.36
C ARG A 258 -9.30 29.33 -6.66
N VAL A 259 -8.60 28.65 -7.55
CA VAL A 259 -9.13 28.24 -8.85
C VAL A 259 -9.81 26.90 -8.77
N TYR A 260 -11.05 26.82 -9.26
CA TYR A 260 -11.80 25.56 -9.24
C TYR A 260 -12.02 25.07 -10.69
N LEU A 261 -11.45 23.91 -11.04
CA LEU A 261 -11.59 23.35 -12.38
C LEU A 261 -12.64 22.25 -12.31
N LYS A 262 -13.59 22.29 -13.24
CA LYS A 262 -14.70 21.32 -13.34
C LYS A 262 -14.74 20.83 -14.75
N PRO A 263 -14.32 19.59 -14.99
CA PRO A 263 -14.33 19.06 -16.36
C PRO A 263 -15.76 18.89 -16.93
N LYS A 264 -16.19 19.77 -17.85
CA LYS A 264 -17.56 19.61 -18.38
C LYS A 264 -17.80 18.54 -19.45
N HIS A 265 -17.73 18.89 -20.73
CA HIS A 265 -17.95 17.91 -21.80
C HIS A 265 -16.75 16.93 -21.74
N ILE A 266 -16.89 15.86 -20.92
CA ILE A 266 -15.83 14.82 -20.73
C ILE A 266 -16.03 13.38 -21.21
N ARG A 267 -14.91 12.69 -21.51
CA ARG A 267 -14.83 11.29 -21.99
C ARG A 267 -13.59 10.58 -21.39
N VAL A 268 -13.69 9.31 -20.98
CA VAL A 268 -12.55 8.56 -20.40
C VAL A 268 -12.23 7.17 -21.02
N TRP A 269 -10.95 6.74 -21.05
CA TRP A 269 -10.59 5.44 -21.64
C TRP A 269 -9.59 4.55 -20.86
N CYS A 270 -9.90 3.24 -20.77
CA CYS A 270 -9.08 2.22 -20.07
C CYS A 270 -9.19 2.45 -18.58
N PRO A 271 -9.99 1.63 -17.87
CA PRO A 271 -10.17 1.79 -16.42
C PRO A 271 -9.07 1.26 -15.49
N ARG A 272 -8.05 2.10 -15.26
CA ARG A 272 -6.91 1.78 -14.39
C ARG A 272 -7.32 1.74 -12.88
N PRO A 273 -6.73 0.83 -12.07
CA PRO A 273 -7.06 0.73 -10.64
C PRO A 273 -6.62 1.98 -9.89
N PRO A 274 -7.49 2.57 -9.06
CA PRO A 274 -7.28 3.78 -8.25
C PRO A 274 -6.00 3.81 -7.41
N ARG A 275 -5.43 5.01 -7.23
CA ARG A 275 -4.20 5.22 -6.45
C ARG A 275 -4.35 4.61 -5.04
N ALA A 276 -3.45 3.70 -4.69
CA ALA A 276 -3.52 3.07 -3.37
C ALA A 276 -2.75 3.71 -2.21
N VAL A 277 -1.59 4.31 -2.50
CA VAL A 277 -0.76 4.95 -1.47
C VAL A 277 -0.51 6.43 -1.78
N ALA A 278 -0.51 7.25 -0.73
CA ALA A 278 -0.29 8.72 -0.84
C ALA A 278 0.55 9.22 -2.03
N TYR A 279 0.03 10.20 -2.80
CA TYR A 279 0.77 10.76 -3.98
C TYR A 279 2.11 11.43 -3.68
N TYR A 280 3.05 11.30 -4.62
CA TYR A 280 4.35 11.90 -4.45
C TYR A 280 4.87 12.47 -5.78
N GLY A 281 4.85 13.80 -5.87
CA GLY A 281 5.29 14.52 -7.06
C GLY A 281 4.43 14.36 -8.28
N PRO A 282 4.86 14.95 -9.39
CA PRO A 282 4.12 14.88 -10.63
C PRO A 282 4.14 13.47 -11.17
N GLY A 283 5.16 12.70 -10.82
CA GLY A 283 5.25 11.32 -11.29
C GLY A 283 4.69 10.28 -10.33
N VAL A 284 4.14 9.20 -10.90
CA VAL A 284 3.55 8.08 -10.14
C VAL A 284 4.36 7.55 -8.95
N ASP A 285 5.63 7.94 -8.88
CA ASP A 285 6.56 7.54 -7.82
C ASP A 285 5.94 7.64 -6.40
N TYR A 286 6.45 6.85 -5.46
CA TYR A 286 5.92 6.86 -4.07
C TYR A 286 6.94 6.80 -2.92
N LYS A 287 6.84 7.75 -1.97
CA LYS A 287 7.74 7.83 -0.79
C LYS A 287 7.52 6.64 0.17
N ASP A 288 8.57 6.27 0.90
CA ASP A 288 8.53 5.17 1.86
C ASP A 288 7.68 5.57 3.11
N GLY A 289 7.19 4.62 3.89
CA GLY A 289 6.38 4.93 5.06
C GLY A 289 4.98 4.87 4.51
N THR A 290 4.60 5.93 3.80
CA THR A 290 3.26 6.05 3.18
C THR A 290 2.89 4.78 2.40
N LEU A 291 3.90 3.93 2.18
CA LEU A 291 3.82 2.67 1.47
C LEU A 291 2.79 1.67 2.01
N THR A 292 2.37 1.81 3.26
CA THR A 292 1.37 0.90 3.90
C THR A 292 -0.06 1.47 3.88
N PRO A 293 -0.92 0.98 2.98
CA PRO A 293 -2.28 1.50 2.93
C PRO A 293 -3.42 0.83 3.73
N LEU A 294 -3.57 -0.49 3.65
CA LEU A 294 -4.65 -1.23 4.36
C LEU A 294 -4.76 -1.14 5.91
N SER A 295 -5.82 -1.74 6.45
CA SER A 295 -6.11 -1.77 7.90
C SER A 295 -6.16 -3.18 8.47
N THR A 296 -6.03 -3.35 9.79
CA THR A 296 -6.08 -4.72 10.38
C THR A 296 -7.50 -5.30 10.54
N LYS A 297 -7.62 -6.63 10.53
CA LYS A 297 -8.90 -7.36 10.67
C LYS A 297 -8.61 -8.85 10.71
N ASP A 298 -9.17 -9.55 11.70
CA ASP A 298 -8.98 -11.00 11.88
C ASP A 298 -9.66 -11.81 10.77
N LEU A 299 -8.88 -12.66 10.09
CA LEU A 299 -9.37 -13.52 9.01
C LEU A 299 -10.60 -14.34 9.43
N THR A 300 -11.00 -14.23 10.70
CA THR A 300 -12.15 -14.97 11.20
C THR A 300 -12.96 -14.24 12.27
N THR A 301 -13.37 -13.01 11.95
CA THR A 301 -14.17 -12.13 12.82
C THR A 301 -14.95 -11.21 11.90
N TYR A 302 -16.28 -11.25 12.03
CA TYR A 302 -17.18 -10.43 11.22
C TYR A 302 -16.97 -8.91 11.27
N ALA B 6 -20.85 -31.23 -31.59
CA ALA B 6 -20.07 -31.92 -32.68
C ALA B 6 -18.77 -32.65 -32.25
N CYS B 7 -17.62 -32.03 -32.63
CA CYS B 7 -16.25 -32.54 -32.32
C CYS B 7 -15.46 -31.81 -31.20
N GLY B 8 -14.22 -32.27 -31.02
CA GLY B 8 -13.28 -31.73 -30.01
C GLY B 8 -12.75 -30.32 -30.20
N TYR B 9 -13.59 -29.46 -30.76
CA TYR B 9 -13.21 -28.08 -31.00
C TYR B 9 -13.47 -27.32 -29.66
N SER B 10 -13.35 -28.09 -28.56
CA SER B 10 -13.54 -27.61 -27.21
C SER B 10 -12.55 -26.49 -26.96
N ASP B 11 -13.05 -25.40 -26.37
CA ASP B 11 -12.25 -24.18 -26.04
C ASP B 11 -10.77 -24.38 -25.65
N ARG B 12 -10.49 -25.51 -24.97
CA ARG B 12 -9.15 -25.91 -24.49
C ARG B 12 -8.00 -26.04 -25.49
N VAL B 13 -8.27 -26.13 -26.79
CA VAL B 13 -7.22 -26.26 -27.81
C VAL B 13 -7.24 -25.13 -28.85
N LEU B 14 -6.11 -24.50 -29.14
CA LEU B 14 -6.06 -23.41 -30.15
C LEU B 14 -4.92 -23.62 -31.15
N GLN B 15 -4.77 -22.73 -32.14
CA GLN B 15 -3.68 -22.86 -33.12
C GLN B 15 -3.29 -21.57 -33.78
N LEU B 16 -2.86 -20.58 -33.00
CA LEU B 16 -2.42 -19.23 -33.47
C LEU B 16 -1.40 -19.35 -34.63
N THR B 17 -1.52 -18.55 -35.70
CA THR B 17 -0.58 -18.67 -36.82
C THR B 17 0.04 -17.37 -37.40
N LEU B 18 -0.23 -16.22 -36.79
CA LEU B 18 0.28 -14.91 -37.23
C LEU B 18 1.66 -15.06 -37.86
N GLY B 19 1.83 -14.57 -39.09
CA GLY B 19 3.13 -14.68 -39.75
C GLY B 19 3.51 -16.12 -40.08
N ASN B 20 4.81 -16.41 -40.19
CA ASN B 20 5.25 -17.78 -40.50
C ASN B 20 5.51 -18.67 -39.26
N SER B 21 4.99 -18.29 -38.09
CA SER B 21 5.18 -19.07 -36.88
C SER B 21 3.85 -19.63 -36.47
N THR B 22 3.82 -20.72 -35.70
CA THR B 22 2.55 -21.29 -35.29
C THR B 22 2.52 -21.88 -33.87
N ILE B 23 1.70 -21.33 -32.98
CA ILE B 23 1.61 -21.83 -31.61
C ILE B 23 0.40 -22.77 -31.64
N THR B 24 0.44 -23.86 -30.87
CA THR B 24 -0.63 -24.86 -30.80
C THR B 24 -0.68 -25.45 -29.40
N THR B 25 -1.26 -24.70 -28.46
CA THR B 25 -1.39 -25.10 -27.06
C THR B 25 -2.56 -26.06 -26.77
N GLN B 26 -2.47 -26.89 -25.73
CA GLN B 26 -3.58 -27.82 -25.44
C GLN B 26 -4.37 -27.70 -24.11
N GLU B 27 -4.11 -26.68 -23.31
CA GLU B 27 -4.85 -26.56 -22.06
C GLU B 27 -5.49 -25.18 -22.11
N ALA B 28 -5.25 -24.49 -23.24
CA ALA B 28 -5.71 -23.15 -23.59
C ALA B 28 -7.02 -22.58 -23.05
N ALA B 29 -6.94 -21.59 -22.17
CA ALA B 29 -8.16 -21.00 -21.63
C ALA B 29 -8.63 -19.96 -22.68
N ASN B 30 -9.65 -20.32 -23.47
CA ASN B 30 -10.23 -19.44 -24.52
C ASN B 30 -9.73 -17.99 -24.33
N SER B 31 -8.82 -17.59 -25.22
CA SER B 31 -8.19 -16.24 -25.25
C SER B 31 -9.00 -14.91 -25.06
N VAL B 32 -8.29 -13.86 -24.63
CA VAL B 32 -8.84 -12.52 -24.39
C VAL B 32 -8.43 -11.53 -25.48
N VAL B 33 -9.37 -10.67 -25.89
CA VAL B 33 -9.12 -9.66 -26.95
C VAL B 33 -9.14 -8.21 -26.37
N ALA B 34 -8.14 -7.89 -25.56
CA ALA B 34 -8.03 -6.58 -24.95
C ALA B 34 -9.37 -5.92 -24.62
N TYR B 35 -9.97 -5.15 -25.54
CA TYR B 35 -11.26 -4.53 -25.21
C TYR B 35 -12.27 -4.80 -26.30
N GLY B 36 -12.49 -6.06 -26.63
CA GLY B 36 -13.44 -6.39 -27.67
C GLY B 36 -12.78 -5.98 -28.96
N ARG B 37 -12.28 -4.75 -29.00
CA ARG B 37 -11.62 -4.21 -30.18
C ARG B 37 -10.44 -5.12 -30.49
N TRP B 38 -10.34 -5.57 -31.74
CA TRP B 38 -9.26 -6.45 -32.21
C TRP B 38 -8.24 -5.57 -33.00
N PRO B 39 -6.95 -5.98 -33.11
CA PRO B 39 -5.94 -5.19 -33.86
C PRO B 39 -6.28 -4.97 -35.35
N GLU B 40 -6.06 -3.76 -35.87
CA GLU B 40 -6.34 -3.41 -37.28
C GLU B 40 -5.41 -2.29 -37.80
N TYR B 41 -5.42 -2.01 -39.11
CA TYR B 41 -4.56 -0.94 -39.67
C TYR B 41 -5.22 0.44 -39.50
N LEU B 42 -4.45 1.52 -39.70
CA LEU B 42 -4.94 2.91 -39.56
C LEU B 42 -5.85 3.39 -40.68
N ARG B 43 -7.15 3.48 -40.36
CA ARG B 43 -8.20 3.92 -41.31
C ARG B 43 -7.86 5.31 -41.74
N ASP B 44 -7.94 5.59 -43.03
CA ASP B 44 -7.62 6.93 -43.50
C ASP B 44 -8.31 8.08 -42.76
N SER B 45 -9.52 7.78 -42.27
CA SER B 45 -10.39 8.70 -41.51
C SER B 45 -9.79 9.26 -40.23
N GLU B 46 -8.83 8.53 -39.66
CA GLU B 46 -8.18 8.94 -38.43
C GLU B 46 -6.69 8.89 -38.51
N ALA B 47 -6.16 8.95 -39.73
CA ALA B 47 -4.72 8.92 -39.95
C ALA B 47 -4.08 10.25 -39.59
N ASN B 48 -2.75 10.33 -39.51
CA ASN B 48 -2.19 11.64 -39.18
C ASN B 48 -1.03 12.03 -40.11
N PRO B 49 0.12 11.34 -40.03
CA PRO B 49 1.28 11.64 -40.89
C PRO B 49 0.94 11.46 -42.39
N VAL B 50 1.38 12.40 -43.23
CA VAL B 50 1.10 12.35 -44.67
C VAL B 50 1.88 11.49 -45.67
N ASP B 51 2.99 10.84 -45.30
CA ASP B 51 3.73 10.00 -46.29
C ASP B 51 3.10 8.61 -46.50
N GLN B 52 3.79 7.71 -47.18
CA GLN B 52 3.23 6.37 -47.39
C GLN B 52 3.71 5.51 -46.21
N PRO B 53 2.77 4.95 -45.42
CA PRO B 53 3.20 4.14 -44.30
C PRO B 53 3.72 2.78 -44.74
N THR B 54 4.89 2.37 -44.25
CA THR B 54 5.44 1.07 -44.64
C THR B 54 4.84 0.00 -43.76
N GLU B 55 4.66 -1.20 -44.29
CA GLU B 55 4.08 -2.26 -43.48
C GLU B 55 4.80 -3.58 -43.69
N PRO B 56 5.71 -3.91 -42.77
CA PRO B 56 6.45 -5.17 -42.89
C PRO B 56 5.57 -6.40 -43.14
N ASP B 57 4.32 -6.38 -42.69
CA ASP B 57 3.41 -7.50 -42.88
C ASP B 57 4.16 -8.76 -42.37
N VAL B 58 4.03 -9.91 -43.02
CA VAL B 58 4.71 -11.13 -42.58
C VAL B 58 6.13 -10.90 -42.06
N ALA B 59 6.88 -9.99 -42.68
CA ALA B 59 8.23 -9.68 -42.27
C ALA B 59 8.31 -9.40 -40.78
N ALA B 60 7.28 -8.80 -40.22
CA ALA B 60 7.27 -8.51 -38.81
C ALA B 60 6.18 -9.23 -38.03
N CYS B 61 4.93 -9.11 -38.47
CA CYS B 61 3.76 -9.74 -37.83
C CYS B 61 3.89 -11.08 -37.05
N ARG B 62 4.82 -11.95 -37.44
CA ARG B 62 5.08 -13.27 -36.82
C ARG B 62 5.43 -13.30 -35.31
N PHE B 63 5.36 -14.49 -34.67
CA PHE B 63 5.68 -14.67 -33.22
C PHE B 63 7.16 -14.73 -32.86
N TYR B 64 7.59 -13.88 -31.93
CA TYR B 64 8.99 -13.83 -31.47
C TYR B 64 9.09 -14.26 -30.02
N THR B 65 9.78 -15.36 -29.73
CA THR B 65 9.92 -15.81 -28.36
C THR B 65 11.03 -14.96 -27.72
N LEU B 66 10.76 -14.33 -26.58
CA LEU B 66 11.77 -13.51 -25.91
C LEU B 66 12.59 -14.55 -25.12
N ASP B 67 13.13 -14.22 -23.96
CA ASP B 67 13.89 -15.26 -23.24
C ASP B 67 13.08 -15.69 -22.00
N THR B 68 13.14 -16.99 -21.66
CA THR B 68 12.43 -17.59 -20.51
C THR B 68 12.86 -17.11 -19.14
N VAL B 69 11.92 -17.10 -18.19
CA VAL B 69 12.18 -16.68 -16.83
C VAL B 69 11.96 -17.90 -15.92
N SER B 70 12.87 -18.14 -14.98
CA SER B 70 12.74 -19.27 -14.06
C SER B 70 11.76 -18.91 -12.97
N TRP B 71 10.87 -19.82 -12.58
CA TRP B 71 9.87 -19.55 -11.53
C TRP B 71 9.87 -20.41 -10.26
N THR B 72 10.52 -19.87 -9.23
CA THR B 72 10.68 -20.46 -7.91
C THR B 72 9.66 -20.01 -6.87
N LYS B 73 9.95 -20.27 -5.58
CA LYS B 73 9.06 -19.90 -4.45
C LYS B 73 9.31 -18.45 -4.07
N GLU B 74 10.56 -18.02 -4.09
CA GLU B 74 10.82 -16.65 -3.73
C GLU B 74 10.55 -15.68 -4.88
N SER B 75 10.13 -16.21 -6.06
CA SER B 75 9.82 -15.39 -7.27
C SER B 75 8.75 -14.37 -6.92
N ARG B 76 9.04 -13.10 -7.20
CA ARG B 76 8.10 -12.02 -6.91
C ARG B 76 7.45 -11.36 -8.12
N GLY B 77 7.53 -11.95 -9.31
CA GLY B 77 6.91 -11.34 -10.50
C GLY B 77 7.87 -10.74 -11.53
N TRP B 78 7.39 -10.54 -12.76
CA TRP B 78 8.20 -9.99 -13.84
C TRP B 78 7.37 -8.96 -14.61
N TRP B 79 8.03 -8.08 -15.37
CA TRP B 79 7.34 -7.02 -16.18
C TRP B 79 8.08 -6.61 -17.48
N TRP B 80 7.36 -6.63 -18.60
CA TRP B 80 7.92 -6.26 -19.91
C TRP B 80 7.29 -4.94 -20.44
N LYS B 81 7.98 -4.21 -21.33
CA LYS B 81 7.42 -2.96 -21.83
C LYS B 81 7.16 -2.98 -23.34
N LEU B 82 6.56 -4.09 -23.84
CA LEU B 82 6.21 -4.37 -25.27
C LEU B 82 6.85 -3.59 -26.42
N PRO B 83 6.35 -2.34 -26.72
CA PRO B 83 6.94 -1.56 -27.80
C PRO B 83 8.42 -1.82 -27.81
N ASP B 84 9.00 -1.75 -26.62
CA ASP B 84 10.42 -1.96 -26.38
C ASP B 84 10.78 -3.41 -26.25
N ALA B 85 10.16 -4.15 -25.34
CA ALA B 85 10.44 -5.59 -25.13
C ALA B 85 10.98 -6.32 -26.35
N LEU B 86 10.43 -6.01 -27.52
CA LEU B 86 10.84 -6.64 -28.80
C LEU B 86 12.12 -6.08 -29.51
N ARG B 87 12.30 -4.75 -29.54
CA ARG B 87 13.44 -4.01 -30.17
C ARG B 87 14.54 -4.80 -30.91
N ASP B 88 14.66 -6.10 -30.69
CA ASP B 88 15.69 -6.86 -31.39
C ASP B 88 15.07 -7.81 -32.40
N MET B 89 14.20 -8.65 -31.85
CA MET B 89 13.41 -9.69 -32.53
C MET B 89 13.21 -9.49 -34.04
N GLY B 90 14.11 -10.05 -34.84
CA GLY B 90 14.03 -9.95 -36.32
C GLY B 90 13.82 -8.56 -36.92
N LEU B 91 13.08 -8.49 -38.04
CA LEU B 91 12.81 -7.21 -38.70
C LEU B 91 11.99 -6.22 -37.87
N PHE B 92 11.07 -6.70 -37.03
CA PHE B 92 10.27 -5.78 -36.20
C PHE B 92 11.22 -4.99 -35.32
N GLY B 93 12.47 -5.46 -35.30
CA GLY B 93 13.55 -4.86 -34.52
C GLY B 93 14.13 -3.81 -35.44
N GLN B 94 14.59 -4.23 -36.62
CA GLN B 94 15.16 -3.29 -37.59
C GLN B 94 14.16 -2.20 -38.06
N ASN B 95 12.91 -2.56 -38.33
CA ASN B 95 11.96 -1.53 -38.76
C ASN B 95 11.71 -0.61 -37.60
N MET B 96 11.67 -1.20 -36.40
CA MET B 96 11.43 -0.45 -35.18
C MET B 96 12.19 0.88 -35.17
N TYR B 97 13.52 0.77 -35.24
CA TYR B 97 14.39 1.91 -35.24
C TYR B 97 14.29 2.76 -36.53
N TYR B 98 14.41 2.17 -37.72
CA TYR B 98 14.33 2.99 -38.95
C TYR B 98 13.24 4.07 -39.17
N HIS B 99 12.19 4.12 -38.35
CA HIS B 99 11.16 5.16 -38.57
C HIS B 99 10.78 6.01 -37.34
N TYR B 100 10.44 7.28 -37.57
CA TYR B 100 10.06 8.19 -36.48
C TYR B 100 8.73 7.83 -35.82
N LEU B 101 7.85 7.20 -36.59
CA LEU B 101 6.54 6.78 -36.11
C LEU B 101 6.25 5.30 -36.35
N GLY B 102 5.69 4.63 -35.34
CA GLY B 102 5.37 3.20 -35.45
C GLY B 102 4.16 2.71 -34.66
N ARG B 103 3.03 2.47 -35.34
CA ARG B 103 1.84 1.99 -34.64
C ARG B 103 1.81 0.48 -34.73
N SER B 104 1.89 -0.23 -33.61
CA SER B 104 1.86 -1.69 -33.65
C SER B 104 0.93 -2.37 -32.64
N GLY B 105 0.17 -3.38 -33.10
CA GLY B 105 -0.77 -4.13 -32.23
C GLY B 105 -0.04 -5.37 -31.73
N TYR B 106 -0.57 -6.11 -30.75
CA TYR B 106 0.14 -7.31 -30.26
C TYR B 106 -0.71 -8.55 -29.95
N THR B 107 -0.06 -9.68 -29.73
CA THR B 107 -0.69 -10.96 -29.40
C THR B 107 0.31 -11.66 -28.53
N VAL B 108 0.19 -11.47 -27.21
CA VAL B 108 1.08 -12.06 -26.21
C VAL B 108 0.58 -13.44 -25.74
N HIS B 109 1.37 -14.49 -25.94
CA HIS B 109 0.98 -15.83 -25.53
C HIS B 109 1.93 -16.35 -24.43
N VAL B 110 1.56 -16.11 -23.17
CA VAL B 110 2.36 -16.53 -22.00
C VAL B 110 2.25 -18.03 -21.71
N GLN B 111 3.29 -18.76 -22.16
CA GLN B 111 3.49 -20.22 -22.06
C GLN B 111 4.14 -20.62 -20.69
N CYS B 112 3.57 -21.63 -20.02
CA CYS B 112 4.06 -22.15 -18.70
C CYS B 112 3.30 -23.35 -18.17
N ASN B 113 3.82 -24.56 -18.37
CA ASN B 113 3.09 -25.75 -17.87
C ASN B 113 3.77 -26.68 -16.86
N ALA B 114 2.96 -27.17 -15.92
CA ALA B 114 3.44 -28.07 -14.89
C ALA B 114 2.75 -29.45 -14.96
N SER B 115 2.88 -30.24 -13.89
CA SER B 115 2.26 -31.56 -13.86
C SER B 115 0.96 -31.41 -13.06
N LYS B 116 0.15 -32.46 -13.00
CA LYS B 116 -1.09 -32.36 -12.24
C LYS B 116 -0.76 -32.25 -10.74
N PHE B 117 0.48 -32.55 -10.38
CA PHE B 117 0.87 -32.47 -8.98
C PHE B 117 1.40 -31.13 -8.44
N HIS B 118 1.57 -30.09 -9.28
CA HIS B 118 2.07 -28.77 -8.82
C HIS B 118 0.85 -27.87 -8.53
N GLN B 119 1.08 -26.65 -8.05
CA GLN B 119 -0.04 -25.75 -7.75
C GLN B 119 0.43 -24.30 -7.78
N GLY B 120 -0.46 -23.39 -8.19
CA GLY B 120 -0.15 -21.96 -8.26
C GLY B 120 -0.93 -21.27 -9.35
N ALA B 121 -1.05 -19.95 -9.26
CA ALA B 121 -1.78 -19.16 -10.25
C ALA B 121 -0.98 -17.92 -10.64
N LEU B 122 -0.72 -17.73 -11.92
CA LEU B 122 0.04 -16.57 -12.37
C LEU B 122 -0.88 -15.55 -13.01
N GLY B 123 -1.15 -14.41 -12.37
CA GLY B 123 -2.04 -13.43 -13.01
C GLY B 123 -1.25 -12.67 -14.08
N VAL B 124 -1.58 -12.89 -15.36
CA VAL B 124 -0.91 -12.22 -16.49
C VAL B 124 -1.73 -10.96 -16.81
N PHE B 125 -1.32 -9.80 -16.29
CA PHE B 125 -2.01 -8.53 -16.52
C PHE B 125 -1.42 -7.62 -17.57
N ALA B 126 -2.18 -7.31 -18.62
CA ALA B 126 -1.67 -6.43 -19.68
C ALA B 126 -2.09 -4.98 -19.43
N VAL B 127 -1.26 -4.23 -18.69
CA VAL B 127 -1.51 -2.81 -18.35
C VAL B 127 -1.13 -1.74 -19.41
N PRO B 128 -2.12 -1.03 -20.01
CA PRO B 128 -1.84 0.02 -21.03
C PRO B 128 -1.22 1.24 -20.35
N GLU B 129 -0.08 1.73 -20.84
CA GLU B 129 0.59 2.90 -20.23
C GLU B 129 1.02 2.53 -18.82
N MET B 130 1.78 1.45 -18.68
CA MET B 130 2.26 0.98 -17.38
C MET B 130 3.44 1.78 -16.85
N CYS B 131 3.17 2.87 -16.15
CA CYS B 131 4.24 3.70 -15.61
C CYS B 131 4.68 3.18 -14.25
N LEU B 132 5.74 2.37 -14.21
CA LEU B 132 6.21 1.84 -12.93
C LEU B 132 6.98 2.92 -12.18
N ALA B 133 6.95 2.89 -10.85
CA ALA B 133 7.66 3.90 -10.02
C ALA B 133 9.11 3.56 -9.64
N GLY B 134 9.98 4.56 -9.75
CA GLY B 134 11.42 4.47 -9.44
C GLY B 134 11.84 4.06 -8.04
N ASP B 135 12.86 4.74 -7.49
CA ASP B 135 13.34 4.42 -6.14
C ASP B 135 14.20 5.49 -5.43
N SER B 136 13.96 6.76 -5.72
CA SER B 136 14.77 7.81 -5.08
C SER B 136 13.86 8.71 -4.26
N ASN B 137 13.88 8.58 -2.93
CA ASN B 137 13.00 9.46 -2.13
C ASN B 137 13.31 10.94 -2.22
N THR B 138 14.38 11.26 -2.93
CA THR B 138 14.78 12.63 -3.09
C THR B 138 14.00 13.06 -4.33
N THR B 139 14.57 12.91 -5.51
CA THR B 139 13.90 13.31 -6.77
C THR B 139 13.04 12.23 -7.44
N THR B 140 11.87 12.65 -7.96
CA THR B 140 10.90 11.78 -8.65
C THR B 140 11.03 11.69 -10.17
N MET B 141 10.84 10.48 -10.73
CA MET B 141 10.93 10.26 -12.19
C MET B 141 12.32 10.28 -12.78
N HIS B 142 13.31 10.58 -11.96
CA HIS B 142 14.67 10.63 -12.44
C HIS B 142 15.24 9.33 -13.05
N THR B 143 14.43 8.26 -13.10
CA THR B 143 14.80 6.95 -13.64
C THR B 143 15.45 7.02 -15.01
N SER B 144 16.65 6.47 -15.16
CA SER B 144 17.39 6.48 -16.44
C SER B 144 16.85 5.60 -17.55
N TYR B 145 16.94 6.08 -18.78
CA TYR B 145 16.45 5.33 -19.94
C TYR B 145 17.12 3.97 -20.02
N GLN B 146 18.44 3.96 -20.22
CA GLN B 146 19.27 2.73 -20.31
C GLN B 146 18.69 1.64 -19.43
N ASN B 147 18.30 2.06 -18.24
CA ASN B 147 17.72 1.24 -17.20
C ASN B 147 16.19 1.06 -17.30
N ALA B 148 15.49 2.11 -17.75
CA ALA B 148 14.03 2.09 -17.89
C ALA B 148 13.43 1.14 -18.96
N ASN B 149 14.25 0.75 -19.94
CA ASN B 149 13.86 -0.14 -21.04
C ASN B 149 14.76 -1.40 -21.07
N PRO B 150 14.38 -2.43 -20.29
CA PRO B 150 15.13 -3.68 -20.21
C PRO B 150 15.06 -4.65 -21.42
N GLY B 151 14.22 -4.38 -22.41
CA GLY B 151 14.09 -5.25 -23.61
C GLY B 151 13.84 -6.74 -23.43
N GLU B 152 14.36 -7.54 -24.37
CA GLU B 152 14.21 -9.00 -24.34
C GLU B 152 14.26 -9.58 -22.93
N LYS B 153 15.10 -9.01 -22.04
CA LYS B 153 15.21 -9.52 -20.65
C LYS B 153 14.13 -9.09 -19.68
N GLY B 154 13.64 -7.88 -19.82
CA GLY B 154 12.59 -7.41 -18.92
C GLY B 154 13.06 -7.26 -17.49
N GLY B 155 12.24 -6.60 -16.69
CA GLY B 155 12.52 -6.35 -15.27
C GLY B 155 11.78 -7.32 -14.35
N THR B 156 11.81 -7.06 -13.04
CA THR B 156 11.14 -7.94 -12.06
C THR B 156 10.65 -7.31 -10.77
N PHE B 157 9.36 -7.50 -10.45
CA PHE B 157 8.78 -6.95 -9.21
C PHE B 157 9.55 -7.42 -7.97
N THR B 158 9.52 -6.61 -6.91
CA THR B 158 10.20 -6.91 -5.63
C THR B 158 9.31 -7.03 -4.41
N GLY B 159 9.85 -7.65 -3.36
CA GLY B 159 9.15 -7.87 -2.09
C GLY B 159 8.73 -6.57 -1.44
N THR B 160 9.68 -5.85 -0.84
CA THR B 160 9.39 -4.57 -0.16
C THR B 160 10.33 -3.48 -0.71
N PHE B 161 9.82 -2.25 -0.84
CA PHE B 161 10.58 -1.09 -1.33
C PHE B 161 11.90 -0.83 -0.62
N THR B 162 12.91 -0.44 -1.39
CA THR B 162 14.25 -0.14 -0.88
C THR B 162 14.71 1.19 -1.51
N PRO B 163 14.77 2.25 -0.71
CA PRO B 163 15.21 3.53 -1.29
C PRO B 163 16.69 3.60 -1.74
N ASP B 164 16.92 4.12 -2.95
CA ASP B 164 18.27 4.27 -3.53
C ASP B 164 18.98 5.39 -2.81
N ASN B 165 19.97 5.10 -1.98
CA ASN B 165 20.62 6.22 -1.27
C ASN B 165 21.82 6.87 -2.00
N ASN B 166 22.61 6.06 -2.74
CA ASN B 166 23.81 6.54 -3.50
C ASN B 166 23.45 7.87 -4.11
N GLN B 167 24.15 8.96 -3.79
CA GLN B 167 23.73 10.24 -4.41
C GLN B 167 24.86 11.11 -4.99
N THR B 168 26.09 10.57 -4.92
CA THR B 168 27.28 11.23 -5.43
C THR B 168 26.90 11.13 -6.91
N SER B 169 26.22 10.01 -7.17
CA SER B 169 25.70 9.54 -8.44
C SER B 169 24.81 8.35 -8.00
N PRO B 170 23.51 8.35 -8.41
CA PRO B 170 22.53 7.28 -8.07
C PRO B 170 22.48 6.05 -8.98
N ALA B 171 21.64 5.08 -8.59
CA ALA B 171 21.45 3.80 -9.33
C ALA B 171 20.31 3.91 -10.35
N ARG B 172 19.65 5.06 -10.32
CA ARG B 172 18.51 5.43 -11.19
C ARG B 172 17.48 4.35 -11.70
N ARG B 173 17.28 3.25 -10.96
CA ARG B 173 16.31 2.19 -11.39
C ARG B 173 14.90 2.23 -10.79
N PHE B 174 13.99 1.41 -11.31
CA PHE B 174 12.62 1.37 -10.81
C PHE B 174 12.68 0.43 -9.62
N CYS B 175 11.83 0.64 -8.63
CA CYS B 175 11.82 -0.24 -7.46
C CYS B 175 10.32 -0.52 -7.45
N PRO B 176 9.87 -1.47 -8.29
CA PRO B 176 8.48 -1.80 -8.37
C PRO B 176 7.98 -2.82 -7.34
N VAL B 177 7.22 -2.37 -6.36
CA VAL B 177 6.71 -3.28 -5.34
C VAL B 177 5.50 -4.02 -5.95
N ASP B 178 5.41 -5.32 -5.65
CA ASP B 178 4.33 -6.16 -6.15
C ASP B 178 2.89 -5.95 -5.65
N TYR B 179 2.66 -5.83 -4.34
CA TYR B 179 1.25 -5.64 -3.91
C TYR B 179 0.63 -4.34 -4.50
N LEU B 180 1.48 -3.40 -4.91
CA LEU B 180 1.07 -2.10 -5.50
C LEU B 180 1.22 -2.05 -7.01
N LEU B 181 1.28 -3.24 -7.62
CA LEU B 181 1.43 -3.38 -9.07
C LEU B 181 2.49 -2.42 -9.66
N GLY B 182 3.52 -2.13 -8.86
CA GLY B 182 4.63 -1.24 -9.24
C GLY B 182 4.25 0.22 -9.42
N ASN B 183 3.00 0.47 -9.78
CA ASN B 183 2.56 1.84 -9.98
C ASN B 183 1.70 2.32 -8.85
N GLY B 184 2.13 2.04 -7.62
CA GLY B 184 1.39 2.46 -6.41
C GLY B 184 -0.13 2.32 -6.42
N THR B 185 -0.60 1.12 -6.71
CA THR B 185 -2.03 0.84 -6.77
C THR B 185 -2.26 -0.69 -6.56
N LEU B 186 -2.99 -1.06 -5.50
CA LEU B 186 -3.30 -2.46 -5.15
C LEU B 186 -3.49 -3.52 -6.28
N LEU B 187 -2.78 -4.66 -6.13
CA LEU B 187 -2.82 -5.80 -7.08
C LEU B 187 -4.18 -6.47 -7.11
N GLY B 188 -4.78 -6.56 -5.93
CA GLY B 188 -6.08 -7.18 -5.80
C GLY B 188 -7.16 -6.46 -6.60
N ASN B 189 -6.88 -5.21 -6.93
CA ASN B 189 -7.81 -4.43 -7.68
C ASN B 189 -7.32 -4.42 -9.13
N ALA B 190 -6.07 -4.81 -9.37
CA ALA B 190 -5.49 -4.85 -10.73
C ALA B 190 -6.27 -5.64 -11.80
N PHE B 191 -7.17 -6.53 -11.38
CA PHE B 191 -7.95 -7.32 -12.35
C PHE B 191 -8.88 -6.47 -13.20
N VAL B 192 -8.53 -5.21 -13.41
CA VAL B 192 -9.37 -4.34 -14.22
C VAL B 192 -8.83 -4.22 -15.63
N PHE B 193 -7.52 -4.46 -15.81
CA PHE B 193 -6.88 -4.38 -17.14
C PHE B 193 -7.15 -5.68 -17.93
N PRO B 194 -6.95 -5.70 -19.28
CA PRO B 194 -7.22 -6.95 -20.02
C PRO B 194 -6.30 -8.00 -19.41
N HIS B 195 -6.84 -9.10 -18.88
CA HIS B 195 -5.98 -10.16 -18.25
C HIS B 195 -6.50 -11.60 -18.16
N GLN B 196 -5.59 -12.52 -17.84
CA GLN B 196 -5.87 -13.96 -17.68
C GLN B 196 -4.97 -14.52 -16.58
N ILE B 197 -5.56 -15.37 -15.74
CA ILE B 197 -4.80 -15.96 -14.69
C ILE B 197 -4.49 -17.33 -15.19
N ILE B 198 -3.21 -17.72 -15.19
CA ILE B 198 -2.84 -19.03 -15.64
C ILE B 198 -2.90 -19.68 -14.26
N ASN B 199 -3.78 -20.67 -14.10
CA ASN B 199 -3.95 -21.35 -12.83
C ASN B 199 -3.52 -22.80 -13.05
N LEU B 200 -2.24 -23.07 -12.82
CA LEU B 200 -1.67 -24.38 -12.99
C LEU B 200 -2.63 -25.58 -13.01
N ARG B 201 -3.62 -25.69 -12.11
CA ARG B 201 -4.51 -26.86 -12.19
C ARG B 201 -5.11 -26.98 -13.56
N THR B 202 -5.74 -25.92 -14.02
CA THR B 202 -6.39 -25.86 -15.35
C THR B 202 -5.45 -25.55 -16.53
N ASN B 203 -5.68 -24.40 -17.18
CA ASN B 203 -4.88 -23.93 -18.33
C ASN B 203 -3.38 -23.84 -18.14
N ASN B 204 -2.62 -24.08 -19.21
CA ASN B 204 -1.15 -24.01 -19.13
C ASN B 204 -0.61 -22.90 -20.03
N CYS B 205 -1.37 -21.82 -20.14
CA CYS B 205 -1.01 -20.67 -20.98
C CYS B 205 -2.14 -19.65 -20.96
N ALA B 206 -1.80 -18.40 -21.32
CA ALA B 206 -2.78 -17.31 -21.37
C ALA B 206 -2.51 -16.57 -22.65
N THR B 207 -3.56 -16.24 -23.41
CA THR B 207 -3.36 -15.52 -24.68
C THR B 207 -4.17 -14.22 -24.75
N LEU B 208 -3.49 -13.09 -24.73
CA LEU B 208 -4.20 -11.84 -24.80
C LEU B 208 -3.80 -11.15 -26.10
N VAL B 209 -4.79 -10.72 -26.89
CA VAL B 209 -4.56 -10.03 -28.18
C VAL B 209 -4.77 -8.56 -27.81
N LEU B 210 -3.73 -7.73 -27.87
CA LEU B 210 -3.80 -6.32 -27.53
C LEU B 210 -3.75 -5.32 -28.69
N PRO B 211 -4.87 -4.62 -28.98
CA PRO B 211 -4.89 -3.66 -30.08
C PRO B 211 -4.23 -2.37 -29.69
N TYR B 212 -3.35 -1.81 -30.54
CA TYR B 212 -2.66 -0.55 -30.22
C TYR B 212 -3.57 0.49 -29.55
N VAL B 213 -3.23 0.88 -28.33
CA VAL B 213 -3.99 1.86 -27.58
C VAL B 213 -3.04 3.01 -27.26
N ASN B 214 -3.46 4.24 -27.56
CA ASN B 214 -2.66 5.45 -27.30
C ASN B 214 -3.41 6.70 -27.70
N SER B 215 -3.19 7.77 -26.95
CA SER B 215 -3.82 9.07 -27.19
C SER B 215 -3.62 9.62 -28.60
N LEU B 216 -2.68 9.04 -29.34
CA LEU B 216 -2.33 9.45 -30.72
C LEU B 216 -2.66 8.39 -31.77
N SER B 217 -2.88 8.84 -33.02
CA SER B 217 -3.20 7.94 -34.14
C SER B 217 -2.15 6.84 -34.30
N ILE B 218 -0.90 7.29 -34.38
CA ILE B 218 0.34 6.50 -34.52
C ILE B 218 1.31 7.36 -33.73
N ASP B 219 2.21 6.76 -32.96
CA ASP B 219 3.15 7.57 -32.18
C ASP B 219 4.54 6.97 -32.36
N SER B 220 5.48 7.36 -31.50
CA SER B 220 6.86 6.89 -31.52
C SER B 220 6.95 5.48 -30.94
N MET B 221 8.16 4.96 -30.87
CA MET B 221 8.43 3.63 -30.33
C MET B 221 9.69 3.69 -29.51
N VAL B 222 10.73 4.25 -30.11
CA VAL B 222 12.02 4.38 -29.49
C VAL B 222 11.75 5.12 -28.19
N LYS B 223 10.88 6.13 -28.25
CA LYS B 223 10.49 6.96 -27.10
C LYS B 223 9.40 6.28 -26.29
N HIS B 224 8.18 6.75 -26.51
CA HIS B 224 6.92 6.31 -25.89
C HIS B 224 6.52 4.86 -25.99
N ASN B 225 6.18 4.26 -24.85
CA ASN B 225 5.75 2.85 -24.77
C ASN B 225 4.23 2.81 -24.71
N ASN B 226 3.65 1.65 -25.04
CA ASN B 226 2.20 1.50 -25.03
C ASN B 226 1.89 0.47 -23.96
N TRP B 227 1.52 -0.74 -24.40
CA TRP B 227 1.20 -1.83 -23.48
C TRP B 227 2.45 -2.33 -22.74
N GLY B 228 2.22 -2.94 -21.60
CA GLY B 228 3.28 -3.47 -20.79
C GLY B 228 2.72 -4.70 -20.08
N ILE B 229 3.37 -5.83 -20.25
CA ILE B 229 2.90 -7.03 -19.60
C ILE B 229 3.52 -7.08 -18.16
N ALA B 230 2.79 -7.65 -17.21
CA ALA B 230 3.26 -7.75 -15.83
C ALA B 230 2.66 -9.03 -15.26
N ILE B 231 3.47 -10.08 -15.18
CA ILE B 231 3.05 -11.39 -14.66
C ILE B 231 3.38 -11.51 -13.17
N LEU B 232 2.37 -11.72 -12.32
CA LEU B 232 2.61 -11.84 -10.86
C LEU B 232 2.09 -13.15 -10.26
N PRO B 233 2.91 -13.82 -9.43
CA PRO B 233 2.40 -15.04 -8.87
C PRO B 233 1.34 -14.74 -7.84
N LEU B 234 0.09 -15.12 -8.11
CA LEU B 234 -1.02 -14.88 -7.18
C LEU B 234 -0.95 -15.97 -6.13
N ALA B 235 -1.01 -17.22 -6.58
CA ALA B 235 -0.95 -18.38 -5.68
C ALA B 235 0.50 -18.87 -5.76
N PRO B 236 1.28 -18.76 -4.67
CA PRO B 236 2.66 -19.21 -4.68
C PRO B 236 2.83 -20.69 -5.03
N LEU B 237 3.90 -21.03 -5.77
CA LEU B 237 4.18 -22.41 -6.19
C LEU B 237 4.63 -23.37 -5.09
N ASN B 238 4.01 -24.55 -5.01
CA ASN B 238 4.32 -25.62 -4.01
C ASN B 238 4.25 -26.97 -4.75
N PHE B 239 5.06 -27.97 -4.37
CA PHE B 239 5.01 -29.28 -5.09
C PHE B 239 4.94 -30.66 -4.32
N ALA B 240 5.78 -30.83 -3.29
CA ALA B 240 5.87 -32.04 -2.44
C ALA B 240 6.74 -31.54 -1.31
N SER B 241 6.72 -32.15 -0.13
CA SER B 241 7.57 -31.64 0.95
C SER B 241 9.03 -31.58 0.45
N GLU B 242 9.25 -30.65 -0.47
CA GLU B 242 10.56 -30.46 -1.07
C GLU B 242 10.98 -29.00 -0.89
N SER B 243 12.22 -28.83 -0.41
CA SER B 243 12.87 -27.53 -0.15
C SER B 243 12.33 -26.38 -1.02
N SER B 244 12.38 -26.59 -2.34
CA SER B 244 11.92 -25.62 -3.29
C SER B 244 11.79 -26.21 -4.70
N PRO B 245 10.64 -25.96 -5.37
CA PRO B 245 10.36 -26.44 -6.73
C PRO B 245 10.60 -25.31 -7.72
N GLU B 246 10.67 -25.60 -9.03
CA GLU B 246 10.90 -24.54 -10.01
C GLU B 246 10.38 -24.89 -11.43
N ILE B 247 9.43 -24.12 -11.96
CA ILE B 247 8.82 -24.33 -13.29
C ILE B 247 9.22 -23.13 -14.15
N PRO B 248 9.51 -23.31 -15.44
CA PRO B 248 9.88 -22.11 -16.20
C PRO B 248 8.88 -21.36 -17.10
N ILE B 249 8.34 -20.22 -16.65
CA ILE B 249 7.37 -19.41 -17.42
C ILE B 249 8.07 -18.81 -18.61
N THR B 250 7.46 -18.86 -19.81
CA THR B 250 8.08 -18.30 -21.04
C THR B 250 7.11 -17.64 -22.02
N LEU B 251 7.18 -16.31 -22.19
CA LEU B 251 6.25 -15.68 -23.12
C LEU B 251 6.74 -15.57 -24.57
N THR B 252 5.80 -15.52 -25.50
CA THR B 252 6.08 -15.41 -26.93
C THR B 252 5.07 -14.36 -27.36
N ILE B 253 5.57 -13.24 -27.90
CA ILE B 253 4.73 -12.13 -28.37
C ILE B 253 4.77 -12.12 -29.90
N ALA B 254 3.78 -11.51 -30.54
CA ALA B 254 3.73 -11.43 -32.03
C ALA B 254 3.18 -10.07 -32.47
N PRO B 255 4.04 -9.20 -33.02
CA PRO B 255 3.43 -7.93 -33.39
C PRO B 255 2.48 -8.03 -34.61
N MET B 256 1.18 -7.76 -34.42
CA MET B 256 0.21 -7.81 -35.53
C MET B 256 0.16 -6.54 -36.42
N CYS B 257 -1.00 -6.23 -36.98
CA CYS B 257 -1.23 -5.05 -37.87
C CYS B 257 -0.36 -3.79 -37.75
N CYS B 258 0.96 -3.94 -37.68
CA CYS B 258 1.89 -2.79 -37.57
C CYS B 258 2.23 -2.03 -38.86
N GLU B 259 2.51 -0.73 -38.72
CA GLU B 259 2.87 0.18 -39.82
C GLU B 259 3.82 1.25 -39.26
N PHE B 260 4.81 1.71 -40.04
CA PHE B 260 5.78 2.74 -39.58
C PHE B 260 5.97 3.92 -40.58
N ASN B 261 6.05 5.17 -40.12
CA ASN B 261 6.23 6.36 -41.04
C ASN B 261 7.50 7.19 -40.93
N GLY B 262 7.89 7.82 -42.04
CA GLY B 262 9.07 8.68 -42.13
C GLY B 262 10.37 7.93 -41.94
N LEU B 263 10.90 7.36 -43.02
CA LEU B 263 12.16 6.62 -42.95
C LEU B 263 13.30 7.65 -42.78
N ARG B 264 14.37 7.24 -42.10
CA ARG B 264 15.55 8.06 -41.82
C ARG B 264 16.82 7.22 -41.90
N ASN B 265 17.76 7.56 -41.02
CA ASN B 265 19.06 6.91 -40.86
C ASN B 265 18.79 5.99 -39.66
N ILE B 266 19.64 5.00 -39.36
CA ILE B 266 19.34 4.12 -38.19
C ILE B 266 19.46 4.73 -36.76
N THR B 267 18.47 4.49 -35.90
CA THR B 267 18.52 5.02 -34.51
C THR B 267 19.42 4.02 -33.79
N LEU B 268 20.28 4.50 -32.88
CA LEU B 268 21.20 3.61 -32.11
C LEU B 268 21.24 4.09 -30.67
N PRO B 269 20.17 3.84 -29.90
CA PRO B 269 20.08 4.26 -28.49
C PRO B 269 21.15 3.70 -27.54
N ARG B 270 21.58 4.51 -26.55
CA ARG B 270 22.60 4.13 -25.54
C ARG B 270 21.88 3.16 -24.62
N LEU B 271 21.80 1.88 -24.98
CA LEU B 271 21.11 0.90 -24.13
C LEU B 271 22.05 0.26 -23.13
N GLN B 272 23.30 0.75 -23.14
CA GLN B 272 24.34 0.25 -22.25
C GLN B 272 24.93 1.24 -21.25
N GLY C 1 -34.06 49.19 -20.49
CA GLY C 1 -34.69 48.03 -21.15
C GLY C 1 -34.97 46.89 -20.19
N LEU C 2 -36.00 46.10 -20.53
CA LEU C 2 -36.50 44.91 -19.80
C LEU C 2 -36.32 44.97 -18.30
N PRO C 3 -37.38 45.30 -17.54
CA PRO C 3 -37.24 45.37 -16.09
C PRO C 3 -37.12 43.98 -15.42
N VAL C 4 -35.93 43.64 -14.91
CA VAL C 4 -35.65 42.35 -14.24
C VAL C 4 -35.50 42.55 -12.75
N MET C 5 -35.41 41.44 -11.98
CA MET C 5 -35.26 41.46 -10.50
C MET C 5 -34.34 40.35 -9.96
N ASN C 6 -33.14 40.69 -9.46
CA ASN C 6 -32.18 39.70 -8.90
C ASN C 6 -32.85 38.94 -7.76
N THR C 7 -32.97 37.62 -7.94
CA THR C 7 -33.58 36.68 -6.99
C THR C 7 -32.66 36.02 -5.95
N PRO C 8 -33.20 35.81 -4.71
CA PRO C 8 -32.46 35.20 -3.62
C PRO C 8 -31.68 34.06 -4.21
N GLY C 9 -30.37 34.15 -4.16
CA GLY C 9 -29.51 33.13 -4.71
C GLY C 9 -28.67 33.61 -5.86
N SER C 10 -28.54 34.94 -6.01
CA SER C 10 -27.76 35.58 -7.08
C SER C 10 -26.29 35.86 -6.66
N ASN C 11 -25.37 35.82 -7.63
CA ASN C 11 -23.95 36.05 -7.36
C ASN C 11 -23.40 34.91 -6.49
N GLN C 12 -24.15 33.81 -6.43
CA GLN C 12 -23.82 32.61 -5.66
C GLN C 12 -23.15 31.49 -6.43
N TYR C 13 -21.88 31.18 -6.17
CA TYR C 13 -21.17 30.08 -6.87
C TYR C 13 -21.50 28.71 -6.27
N LEU C 14 -21.90 27.70 -7.05
CA LEU C 14 -22.21 26.39 -6.42
C LEU C 14 -21.48 25.16 -6.93
N THR C 15 -20.16 25.12 -6.81
CA THR C 15 -19.34 23.96 -7.27
C THR C 15 -20.03 23.03 -8.30
N ALA C 16 -21.03 22.27 -7.87
CA ALA C 16 -21.73 21.37 -8.79
C ALA C 16 -22.80 22.04 -9.65
N ASP C 17 -22.76 23.37 -9.78
CA ASP C 17 -23.75 24.09 -10.59
C ASP C 17 -23.47 23.91 -12.09
N ASN C 18 -24.51 24.00 -12.90
CA ASN C 18 -24.34 23.85 -14.34
C ASN C 18 -24.94 25.00 -15.13
N PHE C 19 -24.13 26.03 -15.38
CA PHE C 19 -24.54 27.24 -16.14
C PHE C 19 -23.51 27.51 -17.27
N GLN C 20 -23.99 28.04 -18.40
CA GLN C 20 -23.11 28.35 -19.55
C GLN C 20 -22.16 29.50 -19.19
N SER C 21 -20.88 29.39 -19.54
CA SER C 21 -19.96 30.47 -19.20
C SER C 21 -19.04 30.86 -20.37
N PRO C 22 -18.82 32.18 -20.58
CA PRO C 22 -17.98 32.72 -21.65
C PRO C 22 -16.76 31.85 -21.92
N CYS C 23 -16.41 31.68 -23.20
CA CYS C 23 -15.26 30.86 -23.61
C CYS C 23 -13.92 31.62 -23.73
N ALA C 24 -12.94 31.23 -22.92
CA ALA C 24 -11.59 31.83 -22.88
C ALA C 24 -10.79 31.92 -24.18
N LEU C 25 -10.90 30.89 -25.00
CA LEU C 25 -10.20 30.85 -26.26
C LEU C 25 -11.25 30.82 -27.37
N PRO C 26 -11.69 32.00 -27.82
CA PRO C 26 -12.69 31.95 -28.87
C PRO C 26 -12.18 31.48 -30.25
N GLU C 27 -12.90 30.52 -30.83
CA GLU C 27 -12.57 29.93 -32.16
C GLU C 27 -11.56 28.78 -32.20
N PHE C 28 -10.75 28.65 -31.16
CA PHE C 28 -9.75 27.58 -31.08
C PHE C 28 -10.22 26.30 -31.74
N ASP C 29 -9.60 25.93 -32.84
CA ASP C 29 -9.92 24.71 -33.60
C ASP C 29 -9.57 23.45 -32.79
N VAL C 30 -10.58 22.88 -32.11
CA VAL C 30 -10.40 21.67 -31.29
C VAL C 30 -9.93 20.50 -32.16
N THR C 31 -9.06 19.64 -31.62
CA THR C 31 -8.55 18.49 -32.38
C THR C 31 -9.55 17.33 -32.37
N PRO C 32 -9.95 16.86 -33.57
CA PRO C 32 -10.89 15.77 -33.80
C PRO C 32 -10.58 14.53 -33.00
N PRO C 33 -11.58 13.92 -32.33
CA PRO C 33 -11.32 12.72 -31.53
C PRO C 33 -11.19 11.46 -32.40
N ILE C 34 -10.26 10.57 -32.03
CA ILE C 34 -10.04 9.32 -32.78
C ILE C 34 -10.86 8.27 -32.04
N ASP C 35 -10.81 7.03 -32.49
CA ASP C 35 -11.58 6.01 -31.83
C ASP C 35 -10.62 5.11 -31.04
N ILE C 36 -10.25 5.58 -29.83
CA ILE C 36 -9.34 4.91 -28.87
C ILE C 36 -9.99 3.63 -28.38
N PRO C 37 -9.27 2.51 -28.44
CA PRO C 37 -9.89 1.27 -27.96
C PRO C 37 -10.14 1.24 -26.45
N GLY C 38 -11.38 0.97 -26.06
CA GLY C 38 -11.78 0.89 -24.64
C GLY C 38 -12.46 2.03 -23.90
N GLU C 39 -13.60 2.51 -24.40
CA GLU C 39 -14.29 3.61 -23.73
C GLU C 39 -15.13 3.14 -22.54
N VAL C 40 -15.53 4.08 -21.71
CA VAL C 40 -16.33 3.81 -20.54
C VAL C 40 -17.38 4.90 -20.53
N LYS C 41 -18.65 4.52 -20.42
CA LYS C 41 -19.77 5.49 -20.40
C LYS C 41 -20.36 5.73 -18.98
N ASN C 42 -20.20 4.76 -18.08
CA ASN C 42 -20.73 4.89 -16.71
C ASN C 42 -20.01 4.06 -15.64
N MET C 43 -19.54 4.73 -14.58
CA MET C 43 -18.82 4.07 -13.45
C MET C 43 -19.30 2.69 -13.06
N MET C 44 -20.61 2.49 -12.94
CA MET C 44 -21.12 1.18 -12.55
C MET C 44 -20.74 0.02 -13.49
N GLU C 45 -20.06 0.36 -14.58
CA GLU C 45 -19.60 -0.59 -15.58
C GLU C 45 -18.38 -1.24 -14.92
N LEU C 46 -17.51 -0.40 -14.34
CA LEU C 46 -16.28 -0.82 -13.66
C LEU C 46 -16.67 -1.69 -12.46
N ALA C 47 -17.77 -1.33 -11.81
CA ALA C 47 -18.28 -2.04 -10.65
C ALA C 47 -18.60 -3.49 -11.02
N GLU C 48 -18.84 -3.75 -12.31
CA GLU C 48 -19.15 -5.12 -12.73
C GLU C 48 -17.93 -5.88 -13.24
N ILE C 49 -16.77 -5.63 -12.67
CA ILE C 49 -15.56 -6.31 -13.10
C ILE C 49 -14.99 -6.85 -11.80
N ASP C 50 -14.73 -8.15 -11.70
CA ASP C 50 -14.17 -8.67 -10.44
C ASP C 50 -12.78 -8.17 -10.05
N THR C 51 -12.62 -7.97 -8.76
CA THR C 51 -11.39 -7.49 -8.17
C THR C 51 -11.22 -8.37 -6.93
N MET C 52 -10.05 -8.99 -6.82
CA MET C 52 -9.68 -9.87 -5.74
C MET C 52 -9.76 -9.22 -4.37
N ILE C 53 -10.51 -9.86 -3.46
CA ILE C 53 -10.71 -9.39 -2.07
C ILE C 53 -9.49 -9.71 -1.22
N PRO C 54 -8.97 -8.72 -0.49
CA PRO C 54 -7.82 -9.04 0.33
C PRO C 54 -8.40 -9.63 1.63
N PHE C 55 -8.84 -10.90 1.60
CA PHE C 55 -9.41 -11.55 2.78
C PHE C 55 -8.59 -11.56 4.05
N ASP C 56 -7.29 -11.77 3.97
CA ASP C 56 -6.55 -11.77 5.22
C ASP C 56 -5.92 -10.43 5.54
N LEU C 57 -6.24 -9.84 6.68
CA LEU C 57 -5.65 -8.54 7.04
C LEU C 57 -4.99 -8.55 8.41
N SER C 58 -4.21 -9.62 8.69
CA SER C 58 -3.46 -9.83 9.95
C SER C 58 -2.21 -9.00 9.94
N ALA C 59 -1.95 -8.24 11.00
CA ALA C 59 -0.73 -7.40 11.06
C ALA C 59 0.44 -7.93 10.25
N THR C 60 0.72 -9.24 10.34
CA THR C 60 1.83 -9.86 9.60
C THR C 60 1.58 -9.93 8.07
N LYS C 61 0.47 -10.54 7.69
CA LYS C 61 0.08 -10.70 6.28
C LYS C 61 -0.47 -9.48 5.54
N LYS C 62 -0.91 -8.43 6.24
CA LYS C 62 -1.46 -7.23 5.55
C LYS C 62 -0.47 -6.46 4.68
N ASN C 63 -1.01 -5.63 3.79
CA ASN C 63 -0.23 -4.81 2.87
C ASN C 63 0.87 -5.56 2.13
N THR C 64 0.70 -6.88 1.97
CA THR C 64 1.69 -7.72 1.29
C THR C 64 1.03 -8.92 0.62
N MET C 65 1.48 -9.33 -0.57
CA MET C 65 0.91 -10.47 -1.28
C MET C 65 0.09 -11.46 -0.47
N GLU C 66 0.68 -12.05 0.57
CA GLU C 66 -0.02 -13.03 1.41
C GLU C 66 -1.46 -12.66 1.78
N MET C 67 -1.80 -11.37 1.67
CA MET C 67 -3.14 -10.87 1.99
C MET C 67 -4.31 -11.30 1.13
N TYR C 68 -4.06 -11.83 -0.08
CA TYR C 68 -5.18 -12.26 -0.94
C TYR C 68 -5.37 -13.78 -1.06
N ARG C 69 -4.37 -14.52 -0.60
CA ARG C 69 -4.33 -15.97 -0.62
C ARG C 69 -5.07 -16.47 0.62
N VAL C 70 -6.25 -17.07 0.49
CA VAL C 70 -6.94 -17.55 1.70
C VAL C 70 -6.57 -19.03 1.71
N ARG C 71 -5.62 -19.41 2.56
CA ARG C 71 -5.19 -20.81 2.64
C ARG C 71 -6.21 -21.78 3.23
N LEU C 72 -6.30 -22.98 2.63
CA LEU C 72 -7.22 -24.10 3.02
C LEU C 72 -6.33 -25.29 3.26
N SER C 73 -6.70 -26.18 4.16
CA SER C 73 -5.83 -27.35 4.40
C SER C 73 -6.51 -28.72 4.28
N ASP C 74 -5.75 -29.78 4.52
CA ASP C 74 -6.33 -31.10 4.43
C ASP C 74 -6.60 -31.55 5.88
N LYS C 75 -7.03 -30.59 6.71
CA LYS C 75 -7.32 -30.87 8.10
C LYS C 75 -8.63 -31.63 8.18
N PRO C 76 -8.78 -32.56 9.16
CA PRO C 76 -9.99 -33.37 9.37
C PRO C 76 -11.25 -32.48 9.55
N HIS C 77 -12.24 -32.65 8.68
CA HIS C 77 -13.50 -31.87 8.72
C HIS C 77 -13.93 -31.24 10.03
N THR C 78 -14.02 -29.92 10.02
CA THR C 78 -14.44 -29.11 11.19
C THR C 78 -15.70 -28.28 10.85
N ASP C 79 -16.33 -27.69 11.85
CA ASP C 79 -17.51 -26.88 11.58
C ASP C 79 -17.32 -25.40 11.88
N ASP C 80 -16.10 -24.91 11.61
CA ASP C 80 -15.74 -23.50 11.83
C ASP C 80 -15.40 -22.78 10.51
N PRO C 81 -15.81 -21.50 10.37
CA PRO C 81 -15.60 -20.65 9.18
C PRO C 81 -14.17 -20.41 8.73
N ILE C 82 -13.86 -20.72 7.47
CA ILE C 82 -12.51 -20.51 6.94
C ILE C 82 -12.36 -19.15 6.25
N LEU C 83 -13.15 -18.22 6.78
CA LEU C 83 -13.26 -16.82 6.38
C LEU C 83 -14.67 -16.30 6.75
N CYS C 84 -14.75 -15.01 7.05
CA CYS C 84 -15.99 -14.33 7.41
C CYS C 84 -16.01 -13.09 6.52
N LEU C 85 -16.85 -12.11 6.83
CA LEU C 85 -16.95 -10.87 6.02
C LEU C 85 -18.29 -10.21 6.25
N SER C 86 -18.27 -8.95 6.67
CA SER C 86 -19.50 -8.21 6.91
C SER C 86 -19.95 -7.55 5.60
N LEU C 87 -21.08 -7.97 5.03
CA LEU C 87 -21.50 -7.36 3.78
C LEU C 87 -21.69 -5.86 3.98
N SER C 88 -20.67 -5.12 3.58
CA SER C 88 -20.60 -3.67 3.65
C SER C 88 -19.59 -3.39 2.56
N PRO C 89 -20.00 -3.53 1.28
CA PRO C 89 -19.11 -3.28 0.17
C PRO C 89 -18.53 -1.88 0.19
N ALA C 90 -18.36 -1.32 1.37
CA ALA C 90 -17.82 0.00 1.52
C ALA C 90 -17.07 0.11 2.82
N SER C 91 -17.75 -0.28 3.90
CA SER C 91 -17.22 -0.25 5.28
C SER C 91 -16.17 -1.28 5.74
N ASP C 92 -16.50 -2.58 5.62
CA ASP C 92 -15.59 -3.68 6.03
C ASP C 92 -14.20 -3.58 5.35
N PRO C 93 -13.14 -3.45 6.16
CA PRO C 93 -11.79 -3.34 5.68
C PRO C 93 -11.48 -4.37 4.62
N ARG C 94 -12.10 -5.53 4.71
CA ARG C 94 -11.86 -6.57 3.72
C ARG C 94 -12.29 -6.19 2.28
N LEU C 95 -13.39 -5.42 2.14
CA LEU C 95 -13.89 -4.99 0.81
C LEU C 95 -13.54 -3.52 0.42
N SER C 96 -13.42 -2.65 1.42
CA SER C 96 -13.10 -1.20 1.29
C SER C 96 -12.11 -0.74 0.21
N HIS C 97 -11.32 -1.65 -0.33
CA HIS C 97 -10.36 -1.26 -1.36
C HIS C 97 -10.56 -1.83 -2.78
N THR C 98 -11.27 -2.96 -2.89
CA THR C 98 -11.54 -3.61 -4.18
C THR C 98 -12.18 -2.58 -5.10
N MET C 99 -11.98 -2.67 -6.41
CA MET C 99 -12.58 -1.69 -7.34
C MET C 99 -13.98 -1.34 -6.82
N LEU C 100 -14.88 -2.34 -6.76
CA LEU C 100 -16.26 -2.14 -6.27
C LEU C 100 -16.20 -1.33 -4.99
N GLY C 101 -15.60 -1.89 -3.96
CA GLY C 101 -15.49 -1.20 -2.70
C GLY C 101 -14.69 0.10 -2.74
N GLU C 102 -13.93 0.31 -3.81
CA GLU C 102 -13.18 1.54 -3.87
C GLU C 102 -14.08 2.61 -4.47
N ILE C 103 -14.95 2.24 -5.42
CA ILE C 103 -15.88 3.20 -6.07
C ILE C 103 -17.00 3.50 -5.07
N LEU C 104 -17.37 2.52 -4.25
CA LEU C 104 -18.43 2.70 -3.25
C LEU C 104 -18.16 3.77 -2.23
N ASN C 105 -16.92 4.23 -2.07
CA ASN C 105 -16.67 5.28 -1.10
C ASN C 105 -16.96 6.66 -1.68
N TYR C 106 -16.93 6.76 -3.01
CA TYR C 106 -17.21 8.03 -3.65
C TYR C 106 -18.72 8.23 -3.69
N TYR C 107 -19.48 7.44 -2.92
CA TYR C 107 -20.97 7.54 -2.85
C TYR C 107 -21.60 7.38 -1.45
N THR C 108 -22.87 7.79 -1.31
CA THR C 108 -23.59 7.72 -0.03
C THR C 108 -24.71 6.67 0.01
N HIS C 109 -24.93 5.97 -1.09
CA HIS C 109 -25.97 4.98 -1.09
C HIS C 109 -25.64 3.98 -2.20
N TRP C 110 -25.60 2.68 -1.89
CA TRP C 110 -25.29 1.65 -2.90
C TRP C 110 -26.56 0.81 -2.89
N ALA C 111 -26.74 -0.06 -3.89
CA ALA C 111 -27.94 -0.93 -4.00
C ALA C 111 -27.73 -2.01 -5.06
N GLY C 112 -28.58 -3.02 -5.10
CA GLY C 112 -28.42 -4.08 -6.09
C GLY C 112 -27.62 -5.30 -5.61
N SER C 113 -27.78 -6.44 -6.29
CA SER C 113 -27.06 -7.66 -5.94
C SER C 113 -25.60 -7.73 -6.33
N LEU C 114 -24.78 -8.25 -5.40
CA LEU C 114 -23.33 -8.41 -5.58
C LEU C 114 -23.02 -9.88 -5.92
N LYS C 115 -21.85 -10.15 -6.48
CA LYS C 115 -21.51 -11.54 -6.83
C LYS C 115 -20.04 -11.97 -6.49
N PHE C 116 -19.86 -12.69 -5.38
CA PHE C 116 -18.55 -13.16 -4.96
C PHE C 116 -18.14 -14.40 -5.72
N THR C 117 -16.99 -14.34 -6.41
CA THR C 117 -16.44 -15.44 -7.22
C THR C 117 -15.16 -16.02 -6.59
N PHE C 118 -15.17 -17.29 -6.20
CA PHE C 118 -13.99 -17.90 -5.59
C PHE C 118 -13.30 -18.89 -6.52
N LEU C 119 -11.97 -18.72 -6.66
CA LEU C 119 -11.04 -19.54 -7.50
C LEU C 119 -10.14 -20.52 -6.71
N PHE C 120 -10.32 -21.82 -6.90
CA PHE C 120 -9.48 -22.76 -6.17
C PHE C 120 -8.10 -22.77 -6.84
N CYS C 121 -7.09 -22.24 -6.16
CA CYS C 121 -5.74 -22.20 -6.70
C CYS C 121 -4.88 -23.26 -6.08
N GLY C 122 -5.00 -24.50 -6.55
CA GLY C 122 -4.20 -25.60 -6.01
C GLY C 122 -4.18 -26.88 -6.82
N SER C 123 -3.15 -27.70 -6.60
CA SER C 123 -2.92 -28.99 -7.27
C SER C 123 -4.11 -29.65 -7.97
N MET C 124 -3.95 -29.91 -9.26
CA MET C 124 -4.99 -30.54 -10.07
C MET C 124 -5.60 -31.78 -9.41
N MET C 125 -4.86 -32.42 -8.51
CA MET C 125 -5.40 -33.61 -7.85
C MET C 125 -6.36 -33.31 -6.74
N ALA C 126 -6.01 -32.38 -5.84
CA ALA C 126 -6.87 -32.01 -4.72
C ALA C 126 -8.34 -31.74 -5.13
N THR C 127 -9.28 -32.31 -4.38
CA THR C 127 -10.74 -32.18 -4.60
C THR C 127 -11.38 -31.64 -3.29
N GLY C 128 -12.71 -31.69 -3.17
CA GLY C 128 -13.42 -31.19 -1.95
C GLY C 128 -14.67 -30.32 -2.23
N LYS C 129 -15.51 -30.12 -1.21
CA LYS C 129 -16.70 -29.29 -1.43
C LYS C 129 -16.79 -28.17 -0.37
N LEU C 130 -16.74 -26.92 -0.81
CA LEU C 130 -16.81 -25.78 0.10
C LEU C 130 -18.18 -25.11 0.01
N LEU C 131 -18.79 -24.82 1.17
CA LEU C 131 -20.12 -24.18 1.26
C LEU C 131 -20.00 -22.68 1.51
N VAL C 132 -20.16 -21.89 0.47
CA VAL C 132 -20.08 -20.41 0.52
C VAL C 132 -21.49 -19.97 0.95
N SER C 133 -21.62 -19.19 2.03
CA SER C 133 -22.95 -18.77 2.49
C SER C 133 -23.17 -17.33 2.92
N TYR C 134 -24.41 -16.88 2.78
CA TYR C 134 -24.88 -15.54 3.12
C TYR C 134 -26.14 -15.61 3.95
N ALA C 135 -26.22 -14.76 4.98
CA ALA C 135 -27.41 -14.73 5.86
C ALA C 135 -27.75 -13.28 6.12
N PRO C 136 -28.91 -12.79 5.61
CA PRO C 136 -29.33 -11.39 5.82
C PRO C 136 -29.14 -11.00 7.28
N PRO C 137 -28.96 -9.69 7.58
CA PRO C 137 -28.75 -9.21 8.96
C PRO C 137 -29.74 -9.59 10.06
N GLY C 138 -29.66 -8.89 11.18
CA GLY C 138 -30.52 -9.10 12.34
C GLY C 138 -30.68 -10.49 12.94
N ALA C 139 -29.57 -11.15 13.26
CA ALA C 139 -29.54 -12.50 13.85
C ALA C 139 -28.08 -12.77 14.16
N ASP C 140 -27.77 -13.64 15.12
CA ASP C 140 -26.35 -13.92 15.46
C ASP C 140 -25.56 -14.33 14.24
N PRO C 141 -24.42 -13.67 14.01
CA PRO C 141 -23.66 -14.06 12.84
C PRO C 141 -23.45 -15.57 12.93
N PRO C 142 -23.34 -16.27 11.79
CA PRO C 142 -23.14 -17.73 11.77
C PRO C 142 -21.69 -18.14 12.04
N LYS C 143 -21.49 -18.97 13.07
CA LYS C 143 -20.15 -19.43 13.45
C LYS C 143 -19.96 -20.94 13.31
N LYS C 144 -21.00 -21.65 12.91
CA LYS C 144 -20.96 -23.09 12.72
C LYS C 144 -21.66 -23.45 11.42
N ARG C 145 -21.16 -24.43 10.67
CA ARG C 145 -21.79 -24.81 9.39
C ARG C 145 -23.30 -25.01 9.67
N LYS C 146 -23.59 -25.63 10.81
CA LYS C 146 -24.96 -25.92 11.26
C LYS C 146 -25.86 -24.64 11.27
N GLU C 147 -25.32 -23.49 11.66
CA GLU C 147 -26.10 -22.25 11.69
C GLU C 147 -26.09 -21.50 10.33
N ALA C 148 -24.92 -21.41 9.68
CA ALA C 148 -24.78 -20.71 8.38
C ALA C 148 -25.56 -21.44 7.32
N MET C 149 -25.55 -22.75 7.40
CA MET C 149 -26.26 -23.60 6.46
C MET C 149 -27.69 -23.11 6.24
N LEU C 150 -28.42 -22.77 7.32
CA LEU C 150 -29.80 -22.29 7.24
C LEU C 150 -30.08 -21.12 6.31
N GLY C 151 -29.10 -20.23 6.12
CA GLY C 151 -29.25 -19.06 5.24
C GLY C 151 -29.17 -19.35 3.75
N THR C 152 -28.77 -18.36 2.94
CA THR C 152 -28.63 -18.51 1.46
C THR C 152 -27.25 -19.00 1.05
N HIS C 153 -27.13 -20.29 0.76
CA HIS C 153 -25.82 -20.84 0.37
C HIS C 153 -25.75 -21.62 -0.94
N VAL C 154 -24.54 -21.69 -1.51
CA VAL C 154 -24.27 -22.39 -2.77
C VAL C 154 -23.18 -23.40 -2.46
N ILE C 155 -23.54 -24.65 -2.15
CA ILE C 155 -22.56 -25.71 -1.82
C ILE C 155 -21.66 -26.11 -3.00
N TRP C 156 -20.72 -25.21 -3.34
CA TRP C 156 -19.72 -25.36 -4.43
C TRP C 156 -18.81 -26.58 -4.49
N ASP C 157 -18.32 -26.90 -5.69
CA ASP C 157 -17.43 -28.05 -5.88
C ASP C 157 -16.14 -27.84 -6.67
N ILE C 158 -15.03 -28.16 -6.00
CA ILE C 158 -13.69 -28.04 -6.53
C ILE C 158 -13.46 -29.08 -7.61
N GLY C 159 -13.65 -28.67 -8.88
CA GLY C 159 -13.47 -29.55 -10.06
C GLY C 159 -12.92 -28.86 -11.29
N LEU C 160 -13.14 -29.48 -12.45
CA LEU C 160 -12.67 -28.97 -13.77
C LEU C 160 -12.93 -27.48 -13.87
N GLN C 161 -14.18 -27.07 -13.62
CA GLN C 161 -14.59 -25.67 -13.67
C GLN C 161 -14.10 -25.14 -12.33
N SER C 162 -12.87 -24.63 -12.39
CA SER C 162 -12.13 -24.06 -11.27
C SER C 162 -12.70 -22.90 -10.42
N SER C 163 -13.83 -22.31 -10.81
CA SER C 163 -14.37 -21.20 -10.01
C SER C 163 -15.88 -21.17 -9.84
N CYS C 164 -16.37 -20.52 -8.79
CA CYS C 164 -17.81 -20.43 -8.54
C CYS C 164 -18.17 -19.01 -8.23
N THR C 165 -19.47 -18.72 -8.16
CA THR C 165 -19.95 -17.39 -7.87
C THR C 165 -21.27 -17.46 -7.15
N MET C 166 -21.31 -17.06 -5.88
CA MET C 166 -22.54 -17.08 -5.09
C MET C 166 -23.16 -15.70 -5.16
N VAL C 167 -24.23 -15.49 -5.93
CA VAL C 167 -24.82 -14.15 -5.99
C VAL C 167 -25.49 -13.88 -4.64
N VAL C 168 -25.31 -12.67 -4.11
CA VAL C 168 -25.90 -12.30 -2.84
C VAL C 168 -27.10 -11.47 -3.25
N PRO C 169 -28.28 -12.09 -3.27
CA PRO C 169 -29.48 -11.34 -3.68
C PRO C 169 -29.78 -10.09 -2.86
N TRP C 170 -30.03 -8.94 -3.51
CA TRP C 170 -30.34 -7.69 -2.77
C TRP C 170 -31.55 -7.84 -1.85
N ILE C 171 -31.36 -8.29 -0.60
CA ILE C 171 -32.46 -8.45 0.32
C ILE C 171 -32.21 -7.37 1.35
N SER C 172 -32.99 -6.29 1.32
CA SER C 172 -32.82 -5.16 2.28
C SER C 172 -34.08 -4.34 2.58
N ASN C 173 -34.18 -3.81 3.81
CA ASN C 173 -35.34 -2.99 4.23
C ASN C 173 -35.48 -1.62 3.61
N THR C 174 -34.41 -1.10 2.99
CA THR C 174 -34.47 0.23 2.38
C THR C 174 -34.08 0.11 0.90
N THR C 175 -34.39 1.12 0.09
CA THR C 175 -34.06 1.05 -1.34
C THR C 175 -32.56 1.12 -1.68
N TYR C 176 -31.75 1.60 -0.74
CA TYR C 176 -30.28 1.75 -0.84
C TYR C 176 -29.72 1.65 0.56
N ARG C 177 -28.46 1.27 0.73
CA ARG C 177 -27.91 1.18 2.09
C ARG C 177 -26.79 2.20 2.29
N GLN C 178 -26.62 2.73 3.51
CA GLN C 178 -25.55 3.68 3.82
C GLN C 178 -24.19 3.09 3.52
N THR C 179 -23.39 3.77 2.72
CA THR C 179 -22.05 3.31 2.35
C THR C 179 -21.07 3.67 3.49
N ILE C 180 -21.52 3.50 4.73
CA ILE C 180 -20.75 3.77 5.95
C ILE C 180 -21.22 2.67 6.92
N ASP C 181 -20.40 2.29 7.91
CA ASP C 181 -20.82 1.23 8.83
C ASP C 181 -21.99 1.69 9.73
N ASP C 182 -23.18 1.81 9.13
CA ASP C 182 -24.38 2.22 9.84
C ASP C 182 -25.08 0.93 10.32
N SER C 183 -25.65 1.02 11.52
CA SER C 183 -26.35 -0.12 12.12
C SER C 183 -27.70 -0.37 11.49
N PHE C 184 -28.52 0.67 11.32
CA PHE C 184 -29.87 0.52 10.70
C PHE C 184 -29.81 -0.11 9.32
N THR C 185 -28.89 0.37 8.50
CA THR C 185 -28.74 -0.18 7.16
C THR C 185 -27.60 -1.23 7.20
N GLU C 186 -27.79 -2.30 7.96
CA GLU C 186 -26.77 -3.35 8.04
C GLU C 186 -26.73 -4.18 6.80
N GLY C 187 -25.55 -4.70 6.46
CA GLY C 187 -25.39 -5.52 5.28
C GLY C 187 -25.80 -6.98 5.32
N GLY C 188 -25.19 -7.76 6.21
CA GLY C 188 -25.50 -9.18 6.33
C GLY C 188 -24.21 -9.90 6.64
N TYR C 189 -24.15 -11.21 6.42
CA TYR C 189 -22.90 -11.92 6.71
C TYR C 189 -22.55 -13.03 5.67
N ILE C 190 -21.33 -12.97 5.09
CA ILE C 190 -20.83 -13.94 4.09
C ILE C 190 -19.84 -14.87 4.86
N SER C 191 -19.74 -16.15 4.50
CA SER C 191 -18.82 -17.07 5.21
C SER C 191 -18.64 -18.48 4.60
N VAL C 192 -17.47 -18.80 4.04
CA VAL C 192 -17.20 -20.13 3.44
C VAL C 192 -16.70 -21.19 4.43
N PHE C 193 -17.38 -22.36 4.48
CA PHE C 193 -17.05 -23.50 5.38
C PHE C 193 -16.75 -24.76 4.55
N TYR C 194 -16.08 -25.75 5.13
CA TYR C 194 -15.80 -26.97 4.37
C TYR C 194 -17.04 -27.87 4.42
N GLN C 195 -17.61 -28.23 3.28
CA GLN C 195 -18.78 -29.10 3.30
C GLN C 195 -18.33 -30.58 3.47
N THR C 196 -17.05 -30.83 3.20
CA THR C 196 -16.41 -32.13 3.30
C THR C 196 -15.05 -31.67 3.82
N ARG C 197 -13.97 -31.82 3.06
CA ARG C 197 -12.63 -31.38 3.49
C ARG C 197 -11.82 -31.44 2.21
N ILE C 198 -10.72 -30.70 2.11
CA ILE C 198 -9.97 -30.80 0.86
C ILE C 198 -9.09 -32.02 1.00
N VAL C 199 -9.45 -33.10 0.28
CA VAL C 199 -8.76 -34.38 0.29
C VAL C 199 -7.71 -34.44 -0.81
N VAL C 200 -6.50 -34.89 -0.48
CA VAL C 200 -5.41 -34.98 -1.47
C VAL C 200 -4.71 -36.34 -1.47
N PRO C 201 -4.11 -36.74 -2.62
CA PRO C 201 -3.41 -38.02 -2.71
C PRO C 201 -1.99 -37.79 -2.23
N LEU C 202 -1.20 -38.86 -2.08
CA LEU C 202 0.19 -38.70 -1.62
C LEU C 202 1.11 -37.91 -2.58
N SER C 203 2.07 -37.16 -2.02
CA SER C 203 2.99 -36.38 -2.84
C SER C 203 2.24 -35.23 -3.57
N THR C 204 1.54 -34.44 -2.75
CA THR C 204 0.74 -33.29 -3.20
C THR C 204 0.90 -32.17 -2.17
N PRO C 205 0.87 -30.90 -2.63
CA PRO C 205 1.02 -29.87 -1.61
C PRO C 205 -0.24 -29.86 -0.74
N ARG C 206 -0.08 -30.25 0.53
CA ARG C 206 -1.17 -30.34 1.54
C ARG C 206 -1.81 -28.98 1.99
N GLU C 207 -1.29 -27.84 1.48
CA GLU C 207 -1.80 -26.48 1.81
C GLU C 207 -1.99 -25.48 0.66
N MET C 208 -3.00 -25.73 -0.14
CA MET C 208 -3.38 -24.91 -1.30
C MET C 208 -4.17 -23.65 -0.88
N ASP C 209 -4.11 -22.59 -1.68
CA ASP C 209 -4.82 -21.36 -1.34
C ASP C 209 -5.92 -20.98 -2.33
N ILE C 210 -6.99 -20.34 -1.83
CA ILE C 210 -8.13 -19.89 -2.67
C ILE C 210 -8.13 -18.34 -2.75
N LEU C 211 -8.46 -17.80 -3.92
CA LEU C 211 -8.50 -16.37 -4.11
C LEU C 211 -9.95 -15.99 -4.35
N GLY C 212 -10.44 -14.96 -3.66
CA GLY C 212 -11.84 -14.53 -3.85
C GLY C 212 -11.93 -13.24 -4.66
N PHE C 213 -12.93 -13.12 -5.52
CA PHE C 213 -13.12 -11.92 -6.36
C PHE C 213 -14.53 -11.39 -6.08
N VAL C 214 -14.79 -10.09 -6.27
CA VAL C 214 -16.14 -9.55 -6.01
C VAL C 214 -16.52 -8.52 -7.06
N SER C 215 -17.80 -8.48 -7.43
CA SER C 215 -18.31 -7.52 -8.44
C SER C 215 -19.81 -7.36 -8.37
N ALA C 216 -20.31 -6.24 -8.91
CA ALA C 216 -21.74 -5.94 -8.93
C ALA C 216 -22.43 -6.62 -10.11
N CYS C 217 -23.76 -6.61 -10.11
CA CYS C 217 -24.55 -7.22 -11.17
C CYS C 217 -25.43 -6.16 -11.87
N ASN C 218 -25.82 -6.40 -13.12
CA ASN C 218 -26.66 -5.42 -13.83
C ASN C 218 -27.97 -5.16 -13.08
N ASP C 219 -27.84 -4.58 -11.89
CA ASP C 219 -28.95 -4.27 -11.03
C ASP C 219 -28.45 -3.19 -10.09
N PHE C 220 -27.18 -3.32 -9.71
CA PHE C 220 -26.46 -2.41 -8.81
C PHE C 220 -26.40 -0.97 -9.33
N SER C 221 -26.39 0.01 -8.43
CA SER C 221 -26.33 1.42 -8.82
C SER C 221 -26.01 2.23 -7.58
N VAL C 222 -25.41 3.39 -7.74
CA VAL C 222 -25.09 4.18 -6.55
C VAL C 222 -25.62 5.60 -6.71
N ARG C 223 -25.63 6.41 -5.63
CA ARG C 223 -26.12 7.79 -5.73
C ARG C 223 -25.52 8.67 -4.62
N LEU C 224 -25.66 9.99 -4.81
CA LEU C 224 -25.20 11.13 -3.95
C LEU C 224 -23.70 11.13 -3.66
N LEU C 225 -22.92 11.53 -4.67
CA LEU C 225 -21.45 11.62 -4.69
C LEU C 225 -20.79 12.33 -3.49
N ARG C 226 -19.63 11.86 -3.03
CA ARG C 226 -18.89 12.47 -1.87
C ARG C 226 -17.36 12.31 -2.07
N ASP C 227 -16.53 12.71 -1.09
CA ASP C 227 -15.05 12.56 -1.23
C ASP C 227 -14.54 11.37 -0.46
N THR C 228 -13.93 10.41 -1.16
CA THR C 228 -13.40 9.20 -0.55
C THR C 228 -12.41 9.45 0.55
N THR C 229 -12.62 8.72 1.64
CA THR C 229 -11.77 8.83 2.82
C THR C 229 -10.38 8.24 2.49
N HIS C 230 -10.38 7.25 1.61
CA HIS C 230 -9.17 6.56 1.19
C HIS C 230 -7.84 7.31 0.94
N ILE C 231 -7.86 8.51 0.37
CA ILE C 231 -6.57 9.24 0.14
C ILE C 231 -6.58 10.65 0.69
N GLU C 232 -5.65 10.88 1.61
CA GLU C 232 -5.47 12.17 2.31
C GLU C 232 -4.29 12.98 1.79
N GLN C 233 -4.44 14.32 1.81
CA GLN C 233 -3.40 15.23 1.34
C GLN C 233 -2.84 15.94 2.59
N LYS C 234 -1.80 15.36 3.19
CA LYS C 234 -1.23 16.00 4.39
C LYS C 234 -0.49 17.29 4.03
N ALA C 235 -1.01 18.39 4.56
CA ALA C 235 -0.47 19.74 4.35
C ALA C 235 -0.37 20.05 2.86
N GLY D 2 -33.86 29.87 -30.61
CA GLY D 2 -33.83 28.45 -31.16
C GLY D 2 -33.87 27.48 -29.98
N ALA D 3 -34.87 27.70 -29.11
CA ALA D 3 -35.12 26.91 -27.89
C ALA D 3 -34.82 25.40 -27.95
N GLN D 4 -34.26 24.88 -26.85
CA GLN D 4 -33.90 23.47 -26.71
C GLN D 4 -34.75 22.96 -25.52
N VAL D 5 -36.02 22.66 -25.79
CA VAL D 5 -36.95 22.16 -24.77
C VAL D 5 -36.80 20.64 -24.62
N SER D 6 -36.56 20.15 -23.40
CA SER D 6 -36.38 18.70 -23.12
C SER D 6 -37.19 18.27 -21.91
N SER D 7 -37.41 16.96 -21.73
CA SER D 7 -38.19 16.47 -20.57
C SER D 7 -37.32 16.14 -19.38
N GLN D 8 -37.70 16.66 -18.20
CA GLN D 8 -36.94 16.40 -16.96
C GLN D 8 -37.36 14.98 -16.51
N LYS D 9 -36.65 14.38 -15.55
CA LYS D 9 -37.07 13.04 -15.12
C LYS D 9 -37.69 13.18 -13.74
N VAL D 10 -38.83 13.86 -13.66
CA VAL D 10 -39.52 14.06 -12.37
C VAL D 10 -39.94 12.74 -11.73
N GLY D 11 -39.86 12.70 -10.39
CA GLY D 11 -40.23 11.50 -9.61
C GLY D 11 -41.71 11.54 -9.22
N ALA D 12 -42.58 11.94 -10.17
CA ALA D 12 -44.03 12.02 -9.98
C ALA D 12 -44.43 12.68 -8.64
N HIS D 13 -43.81 13.82 -8.34
CA HIS D 13 -44.06 14.57 -7.10
C HIS D 13 -45.36 15.39 -7.14
N GLU D 14 -46.09 15.44 -6.02
CA GLU D 14 -47.34 16.20 -5.97
C GLU D 14 -47.21 17.67 -6.34
N ASN D 15 -48.13 18.13 -7.17
CA ASN D 15 -48.14 19.51 -7.61
C ASN D 15 -46.79 20.03 -8.15
N SER D 16 -46.11 19.20 -8.94
CA SER D 16 -44.82 19.54 -9.52
C SER D 16 -45.09 19.95 -10.98
N ASN D 17 -46.33 19.71 -11.40
CA ASN D 17 -46.82 20.01 -12.75
C ASN D 17 -47.63 18.84 -13.33
N ARG D 18 -47.18 17.62 -13.02
CA ARG D 18 -47.82 16.38 -13.49
C ARG D 18 -47.15 15.09 -12.98
N ALA D 19 -47.95 14.22 -12.37
CA ALA D 19 -47.48 12.93 -11.82
C ALA D 19 -48.62 11.90 -11.72
N TYR D 20 -48.91 11.47 -10.49
CA TYR D 20 -49.95 10.48 -10.22
C TYR D 20 -51.29 11.24 -10.20
N GLY D 21 -51.57 11.79 -11.37
CA GLY D 21 -52.76 12.58 -11.68
C GLY D 21 -52.52 12.79 -13.17
N GLY D 22 -51.32 12.37 -13.59
CA GLY D 22 -50.85 12.47 -14.97
C GLY D 22 -50.23 13.77 -15.42
N SER D 23 -49.39 13.68 -16.45
CA SER D 23 -48.69 14.85 -17.02
C SER D 23 -47.16 14.72 -17.07
N THR D 24 -46.52 15.54 -17.92
CA THR D 24 -45.05 15.55 -18.09
C THR D 24 -44.41 16.90 -17.65
N ILE D 25 -43.08 16.92 -17.49
CA ILE D 25 -42.35 18.13 -17.08
C ILE D 25 -41.15 18.43 -18.01
N ASN D 26 -41.16 19.62 -18.61
CA ASN D 26 -40.09 20.07 -19.54
C ASN D 26 -39.25 21.26 -19.03
N TYR D 27 -38.12 21.59 -19.68
CA TYR D 27 -37.29 22.73 -19.26
C TYR D 27 -36.61 23.34 -20.50
N THR D 28 -36.71 24.65 -20.67
CA THR D 28 -36.09 25.33 -21.83
C THR D 28 -34.60 25.58 -21.66
N THR D 29 -33.85 25.43 -22.75
CA THR D 29 -32.41 25.65 -22.75
C THR D 29 -32.10 26.48 -23.98
N ILE D 30 -31.04 27.27 -23.95
CA ILE D 30 -30.69 28.09 -25.11
C ILE D 30 -29.17 28.22 -25.14
N ASN D 31 -28.50 27.64 -26.12
CA ASN D 31 -27.04 27.78 -26.16
C ASN D 31 -26.86 29.25 -26.44
N TYR D 32 -26.08 29.97 -25.63
CA TYR D 32 -25.89 31.40 -25.87
C TYR D 32 -24.55 31.78 -26.54
N TYR D 33 -23.52 30.99 -26.31
CA TYR D 33 -22.24 31.33 -26.90
C TYR D 33 -21.89 30.58 -28.19
N ARG D 34 -21.25 31.27 -29.11
CA ARG D 34 -20.86 30.66 -30.37
C ARG D 34 -19.88 29.52 -30.14
N ASP D 35 -19.13 29.53 -29.07
CA ASP D 35 -18.19 28.41 -28.89
C ASP D 35 -18.60 27.22 -28.02
N SER D 36 -19.05 26.16 -28.71
CA SER D 36 -19.52 24.86 -28.15
C SER D 36 -19.00 24.43 -26.78
N ALA D 37 -17.71 24.67 -26.56
CA ALA D 37 -17.07 24.31 -25.30
C ALA D 37 -17.53 25.26 -24.18
N SER D 38 -18.61 25.96 -24.47
CA SER D 38 -19.17 26.89 -23.54
C SER D 38 -20.62 26.53 -23.19
N ASN D 39 -21.16 25.52 -23.86
CA ASN D 39 -22.53 25.07 -23.63
C ASN D 39 -22.63 24.35 -22.30
N ALA D 40 -23.82 24.34 -21.70
CA ALA D 40 -24.03 23.67 -20.42
C ALA D 40 -24.02 22.14 -20.62
N ALA D 41 -23.20 21.42 -19.85
CA ALA D 41 -23.10 19.95 -19.93
C ALA D 41 -24.51 19.37 -19.97
N SER D 42 -25.06 19.16 -21.16
CA SER D 42 -26.42 18.60 -21.36
C SER D 42 -26.93 17.36 -20.58
N LYS D 43 -26.11 16.81 -19.69
CA LYS D 43 -26.44 15.63 -18.86
C LYS D 43 -27.28 14.49 -19.47
N GLN D 44 -27.63 14.56 -20.76
CA GLN D 44 -28.43 13.50 -21.42
C GLN D 44 -27.55 12.36 -21.98
N ASP D 45 -26.51 12.02 -21.20
CA ASP D 45 -25.52 10.98 -21.48
C ASP D 45 -26.10 9.55 -21.60
N PHE D 46 -25.44 8.68 -22.36
CA PHE D 46 -25.86 7.26 -22.57
C PHE D 46 -25.25 6.23 -21.62
N SER D 47 -25.36 4.95 -21.99
CA SER D 47 -24.83 3.82 -21.21
C SER D 47 -24.65 2.60 -22.09
N GLN D 48 -23.39 2.18 -22.22
CA GLN D 48 -23.01 1.02 -23.03
C GLN D 48 -23.10 -0.25 -22.17
N ASP D 49 -22.90 -1.41 -22.80
CA ASP D 49 -22.96 -2.68 -22.10
C ASP D 49 -21.56 -2.92 -21.55
N PRO D 50 -21.46 -3.33 -20.27
CA PRO D 50 -20.17 -3.58 -19.66
C PRO D 50 -19.35 -4.74 -20.29
N SER D 51 -19.88 -5.35 -21.35
CA SER D 51 -19.25 -6.47 -22.08
C SER D 51 -17.81 -6.28 -22.60
N LYS D 52 -17.47 -5.14 -23.18
CA LYS D 52 -16.09 -4.97 -23.68
C LYS D 52 -15.06 -5.10 -22.53
N PHE D 53 -15.54 -5.22 -21.28
CA PHE D 53 -14.68 -5.36 -20.08
C PHE D 53 -15.02 -6.60 -19.26
N THR D 54 -16.30 -6.89 -19.15
CA THR D 54 -16.74 -8.05 -18.40
C THR D 54 -16.58 -9.36 -19.20
N GLU D 55 -17.23 -9.40 -20.36
CA GLU D 55 -17.24 -10.53 -21.28
C GLU D 55 -16.32 -10.42 -22.52
N PRO D 56 -15.02 -10.08 -22.35
CA PRO D 56 -14.19 -10.01 -23.57
C PRO D 56 -13.42 -11.30 -23.90
N ILE D 57 -13.91 -12.09 -24.87
CA ILE D 57 -13.27 -13.38 -25.31
C ILE D 57 -13.22 -13.58 -26.85
N LYS D 58 -12.24 -14.36 -27.32
CA LYS D 58 -12.07 -14.63 -28.77
C LYS D 58 -13.19 -15.52 -29.32
N ASP D 59 -14.21 -15.77 -28.47
CA ASP D 59 -15.40 -16.59 -28.77
C ASP D 59 -16.62 -15.92 -28.19
N VAL D 60 -17.58 -16.74 -27.72
CA VAL D 60 -18.86 -16.29 -27.10
C VAL D 60 -19.09 -17.11 -25.82
N LEU D 61 -19.67 -16.49 -24.78
CA LEU D 61 -19.91 -17.22 -23.55
C LEU D 61 -21.40 -17.22 -23.21
N ILE D 62 -21.95 -18.43 -23.12
CA ILE D 62 -23.34 -18.72 -22.81
C ILE D 62 -23.26 -19.02 -21.30
N LYS D 63 -24.03 -18.31 -20.46
CA LYS D 63 -23.97 -18.54 -19.00
C LYS D 63 -24.35 -19.91 -18.44
N THR D 64 -25.40 -20.50 -19.01
CA THR D 64 -25.90 -21.81 -18.58
C THR D 64 -24.93 -22.94 -18.99
N ALA D 65 -24.02 -22.62 -19.91
CA ALA D 65 -23.02 -23.55 -20.42
C ALA D 65 -21.82 -23.75 -19.47
N PRO D 66 -20.91 -24.72 -19.78
CA PRO D 66 -19.75 -24.92 -18.90
C PRO D 66 -18.59 -23.96 -19.39
N MET D 67 -18.13 -23.10 -18.50
CA MET D 67 -17.07 -22.12 -18.74
C MET D 67 -15.97 -22.64 -19.67
N LEU D 68 -15.06 -23.41 -19.07
CA LEU D 68 -13.92 -24.01 -19.77
C LEU D 68 -14.39 -25.23 -20.54
N ASN D 69 -14.85 -25.02 -21.78
CA ASN D 69 -15.32 -26.13 -22.60
C ASN D 69 -14.16 -27.03 -23.07
N ASP E 28 -15.03 26.04 23.09
CA ASP E 28 -14.17 25.25 22.17
C ASP E 28 -13.15 24.49 23.00
N VAL E 29 -13.31 23.17 23.06
CA VAL E 29 -12.41 22.31 23.83
C VAL E 29 -11.21 21.76 23.06
N VAL E 30 -10.56 20.74 23.64
CA VAL E 30 -9.41 20.12 23.01
C VAL E 30 -9.28 18.64 23.34
N VAL E 31 -8.67 17.88 22.45
CA VAL E 31 -8.50 16.44 22.66
C VAL E 31 -7.40 16.10 23.67
N GLN E 32 -7.80 15.70 24.86
CA GLN E 32 -6.89 15.33 25.95
C GLN E 32 -6.44 13.87 25.85
N ALA E 33 -5.14 13.63 26.07
CA ALA E 33 -4.58 12.28 26.01
C ALA E 33 -3.12 12.24 26.44
N PRO E 34 -2.77 11.25 27.29
CA PRO E 34 -1.42 11.06 27.81
C PRO E 34 -0.34 10.91 26.73
N THR E 35 -0.45 11.67 25.65
CA THR E 35 0.55 11.57 24.59
C THR E 35 1.11 10.14 24.45
N GLN E 36 2.13 9.79 25.23
CA GLN E 36 2.69 8.43 25.12
C GLN E 36 2.11 7.50 26.21
N VAL E 37 1.85 6.24 25.85
CA VAL E 37 1.29 5.29 26.83
C VAL E 37 1.71 3.84 26.56
N PRO E 38 2.80 3.40 27.20
CA PRO E 38 3.34 2.04 27.06
C PRO E 38 2.72 1.10 28.07
N GLY E 39 2.62 -0.19 27.75
CA GLY E 39 3.07 -0.74 26.46
C GLY E 39 3.70 -2.10 26.70
N PHE E 40 3.07 -2.88 27.59
CA PHE E 40 3.51 -4.22 27.97
C PHE E 40 3.25 -5.36 27.01
N LEU E 41 4.06 -6.41 27.15
CA LEU E 41 3.96 -7.60 26.32
C LEU E 41 2.95 -8.56 26.92
N GLY E 42 1.90 -8.85 26.15
CA GLY E 42 0.85 -9.76 26.58
C GLY E 42 -0.04 -9.31 27.72
N ASP E 43 0.11 -8.07 28.14
CA ASP E 43 -0.70 -7.53 29.23
C ASP E 43 -2.06 -7.03 28.73
N SER E 44 -2.49 -5.86 29.21
CA SER E 44 -3.76 -5.27 28.80
C SER E 44 -3.86 -3.82 29.27
N VAL E 45 -3.23 -2.92 28.52
CA VAL E 45 -3.21 -1.48 28.82
C VAL E 45 -4.42 -0.64 28.36
N THR E 46 -4.60 0.51 29.01
CA THR E 46 -5.71 1.44 28.69
C THR E 46 -5.24 2.74 28.05
N LEU E 47 -5.55 2.94 26.77
CA LEU E 47 -5.16 4.15 26.05
C LEU E 47 -6.05 5.34 26.44
N PRO E 48 -5.78 5.95 27.61
CA PRO E 48 -6.59 7.09 28.06
C PRO E 48 -6.64 8.28 27.10
N CYS E 49 -7.86 8.64 26.68
CA CYS E 49 -8.09 9.77 25.75
C CYS E 49 -9.41 10.45 26.12
N TYR E 50 -9.35 11.46 26.99
CA TYR E 50 -10.54 12.21 27.43
C TYR E 50 -10.61 13.54 26.70
N LEU E 51 -11.73 14.25 26.88
CA LEU E 51 -11.93 15.54 26.23
C LEU E 51 -12.52 16.61 27.12
N GLN E 52 -11.69 17.28 27.91
CA GLN E 52 -12.17 18.33 28.81
C GLN E 52 -12.62 19.57 28.04
N VAL E 53 -13.93 19.85 28.12
CA VAL E 53 -14.54 20.99 27.45
C VAL E 53 -14.60 22.25 28.31
N PRO E 54 -15.24 23.31 27.79
CA PRO E 54 -15.41 24.59 28.46
C PRO E 54 -16.82 24.68 29.04
N ASN E 55 -17.11 23.79 29.99
CA ASN E 55 -18.42 23.74 30.66
C ASN E 55 -19.41 24.86 30.32
N MET E 56 -19.21 26.03 30.93
CA MET E 56 -20.08 27.16 30.67
C MET E 56 -20.46 27.16 29.18
N GLU E 57 -19.50 26.85 28.31
CA GLU E 57 -19.73 26.82 26.85
C GLU E 57 -19.94 25.36 26.44
N VAL E 58 -21.03 25.08 25.71
CA VAL E 58 -21.30 23.70 25.29
C VAL E 58 -21.24 23.28 23.81
N THR E 59 -21.09 21.97 23.63
CA THR E 59 -20.99 21.28 22.34
C THR E 59 -21.84 19.99 22.43
N HIS E 60 -22.03 19.32 21.30
CA HIS E 60 -22.81 18.09 21.23
C HIS E 60 -22.06 16.99 20.47
N VAL E 61 -21.31 16.19 21.21
CA VAL E 61 -20.54 15.10 20.62
C VAL E 61 -21.42 14.19 19.78
N SER E 62 -20.83 13.59 18.75
CA SER E 62 -21.58 12.70 17.89
C SER E 62 -20.98 11.30 18.03
N GLN E 63 -19.73 11.13 17.63
CA GLN E 63 -19.14 9.80 17.75
C GLN E 63 -17.68 9.77 18.24
N LEU E 64 -17.37 8.83 19.15
CA LEU E 64 -16.04 8.68 19.70
C LEU E 64 -15.49 7.42 19.07
N THR E 65 -14.63 7.56 18.06
CA THR E 65 -14.06 6.39 17.39
C THR E 65 -12.56 6.45 17.11
N TRP E 66 -11.89 5.30 17.22
CA TRP E 66 -10.44 5.21 16.98
C TRP E 66 -10.10 4.75 15.58
N ALA E 67 -8.82 4.49 15.37
CA ALA E 67 -8.28 4.05 14.11
C ALA E 67 -6.87 3.51 14.36
N ARG E 68 -5.89 4.26 13.90
CA ARG E 68 -4.49 3.92 14.07
C ARG E 68 -3.81 5.17 13.57
N HIS E 69 -3.73 5.34 12.25
CA HIS E 69 -3.09 6.54 11.68
C HIS E 69 -3.06 6.44 10.17
N GLY E 70 -2.07 5.75 9.63
CA GLY E 70 -1.99 5.60 8.20
C GLY E 70 -2.98 4.50 7.83
N GLU E 71 -4.26 4.71 8.15
CA GLU E 71 -5.27 3.69 7.84
C GLU E 71 -6.72 4.17 8.04
N SER E 72 -7.31 4.73 6.99
CA SER E 72 -8.68 5.21 7.09
C SER E 72 -9.51 4.15 7.82
N GLY E 73 -9.21 2.89 7.58
CA GLY E 73 -9.96 1.84 8.25
C GLY E 73 -9.95 2.15 9.73
N SER E 74 -11.11 2.44 10.28
CA SER E 74 -11.24 2.76 11.70
C SER E 74 -11.44 1.50 12.55
N MET E 75 -10.82 1.47 13.72
CA MET E 75 -10.96 0.31 14.58
C MET E 75 -12.27 0.39 15.34
N ALA E 76 -12.17 0.47 16.66
CA ALA E 76 -13.35 0.58 17.50
C ALA E 76 -13.92 1.98 17.46
N VAL E 77 -15.22 2.09 17.19
CA VAL E 77 -15.91 3.36 17.11
C VAL E 77 -17.20 3.33 17.92
N PHE E 78 -17.50 4.39 18.68
CA PHE E 78 -18.72 4.42 19.48
C PHE E 78 -19.58 5.60 19.04
N HIS E 79 -20.71 5.29 18.40
CA HIS E 79 -21.65 6.30 17.90
C HIS E 79 -22.64 6.70 18.98
N GLN E 80 -22.94 7.99 19.07
CA GLN E 80 -23.88 8.49 20.06
C GLN E 80 -25.15 7.65 20.17
N THR E 81 -25.51 6.95 19.09
CA THR E 81 -26.71 6.13 19.11
C THR E 81 -26.49 4.65 18.83
N GLN E 82 -25.92 4.33 17.68
CA GLN E 82 -25.68 2.94 17.33
C GLN E 82 -24.86 2.19 18.37
N GLY E 83 -24.33 2.91 19.35
CA GLY E 83 -23.52 2.28 20.39
C GLY E 83 -22.12 1.95 19.94
N PRO E 84 -21.41 1.13 20.72
CA PRO E 84 -20.03 0.72 20.42
C PRO E 84 -19.95 0.07 19.05
N SER E 85 -18.74 -0.05 18.50
CA SER E 85 -18.51 -0.66 17.19
C SER E 85 -17.12 -1.28 17.09
N TYR E 86 -16.86 -2.27 17.94
CA TYR E 86 -15.57 -2.96 17.97
C TYR E 86 -15.13 -3.66 16.68
N SER E 87 -13.97 -3.27 16.17
CA SER E 87 -13.44 -3.85 14.94
C SER E 87 -12.89 -5.24 15.24
N GLU E 88 -12.83 -5.58 16.53
CA GLU E 88 -12.33 -6.89 16.94
C GLU E 88 -12.99 -7.30 18.26
N SER E 89 -14.30 -7.04 18.34
CA SER E 89 -15.17 -7.34 19.49
C SER E 89 -14.51 -7.87 20.77
N LYS E 90 -13.42 -8.62 20.63
CA LYS E 90 -12.72 -9.16 21.80
C LYS E 90 -11.57 -8.38 22.43
N ARG E 91 -10.41 -8.41 21.79
CA ARG E 91 -9.24 -7.72 22.30
C ARG E 91 -9.38 -6.22 22.65
N LEU E 92 -10.54 -5.60 22.39
CA LEU E 92 -10.69 -4.17 22.72
C LEU E 92 -12.06 -3.82 23.30
N GLU E 93 -12.15 -2.68 24.00
CA GLU E 93 -13.41 -2.25 24.59
C GLU E 93 -13.38 -0.83 25.18
N PHE E 94 -14.50 -0.11 25.06
CA PHE E 94 -14.63 1.26 25.58
C PHE E 94 -14.97 1.26 27.08
N VAL E 95 -13.95 1.46 27.91
CA VAL E 95 -14.14 1.47 29.36
C VAL E 95 -14.93 2.66 29.91
N ALA E 96 -15.80 3.26 29.10
CA ALA E 96 -16.57 4.38 29.60
C ALA E 96 -17.81 4.69 28.77
N ALA E 97 -17.65 4.65 27.46
CA ALA E 97 -18.76 4.93 26.53
C ALA E 97 -20.03 4.13 26.83
N ARG E 98 -21.03 4.82 27.36
CA ARG E 98 -22.30 4.18 27.70
C ARG E 98 -23.48 4.91 27.05
N LEU E 99 -23.99 4.31 25.97
CA LEU E 99 -25.11 4.87 25.22
C LEU E 99 -25.76 6.11 25.79
N GLY E 100 -26.49 6.81 24.93
CA GLY E 100 -27.18 8.03 25.28
C GLY E 100 -26.87 8.44 26.71
N ALA E 101 -25.79 9.19 26.88
CA ALA E 101 -25.39 9.65 28.19
C ALA E 101 -24.84 11.03 27.95
N GLU E 102 -23.70 11.02 27.29
CA GLU E 102 -22.91 12.19 26.90
C GLU E 102 -21.48 11.74 26.71
N LEU E 103 -21.06 11.72 25.46
CA LEU E 103 -19.71 11.31 25.12
C LEU E 103 -18.66 12.33 25.56
N ARG E 104 -17.67 11.83 26.29
CA ARG E 104 -16.59 12.64 26.81
C ARG E 104 -15.38 11.72 27.00
N ASN E 105 -15.25 11.12 28.18
CA ASN E 105 -14.15 10.22 28.50
C ASN E 105 -14.24 9.01 27.59
N ALA E 106 -13.54 9.07 26.45
CA ALA E 106 -13.55 7.98 25.48
C ALA E 106 -12.36 7.02 25.58
N SER E 107 -11.58 7.14 26.65
CA SER E 107 -10.43 6.25 26.79
C SER E 107 -10.80 4.82 26.46
N LEU E 108 -9.94 4.16 25.71
CA LEU E 108 -10.15 2.78 25.30
C LEU E 108 -9.21 1.83 26.03
N ARG E 109 -9.60 0.56 26.14
CA ARG E 109 -8.78 -0.46 26.82
C ARG E 109 -8.81 -1.81 26.07
N MET E 110 -7.68 -2.19 25.46
CA MET E 110 -7.63 -3.46 24.73
C MET E 110 -6.87 -4.57 25.47
N PHE E 111 -7.46 -5.77 25.47
CA PHE E 111 -6.89 -6.96 26.12
C PHE E 111 -5.78 -7.60 25.29
N GLY E 112 -4.88 -8.32 25.95
CA GLY E 112 -3.76 -8.97 25.26
C GLY E 112 -3.12 -8.08 24.21
N LEU E 113 -1.93 -7.56 24.53
CA LEU E 113 -1.19 -6.68 23.62
C LEU E 113 -0.54 -7.53 22.51
N ARG E 114 0.27 -6.94 21.63
CA ARG E 114 0.86 -7.80 20.59
C ARG E 114 2.03 -7.27 19.72
N VAL E 115 3.25 -7.56 20.18
CA VAL E 115 4.49 -7.16 19.50
C VAL E 115 4.21 -6.08 18.48
N GLU E 116 3.15 -6.26 17.71
CA GLU E 116 2.79 -5.28 16.69
C GLU E 116 1.66 -4.34 17.08
N ASP E 117 0.98 -4.63 18.18
CA ASP E 117 -0.12 -3.78 18.62
C ASP E 117 0.47 -2.37 18.81
N GLU E 118 1.78 -2.33 19.00
CA GLU E 118 2.57 -1.13 19.19
C GLU E 118 2.42 -0.07 18.09
N GLY E 119 2.35 1.22 18.46
CA GLY E 119 2.20 2.31 17.47
C GLY E 119 1.59 3.66 17.87
N ASN E 120 1.25 4.49 16.87
CA ASN E 120 0.63 5.83 17.02
C ASN E 120 -0.81 5.82 16.49
N TYR E 121 -1.78 6.11 17.36
CA TYR E 121 -3.21 6.12 16.99
C TYR E 121 -3.83 7.51 16.77
N THR E 122 -5.11 7.55 16.38
CA THR E 122 -5.82 8.81 16.14
C THR E 122 -7.18 8.81 16.87
N CYS E 123 -7.29 9.60 17.94
CA CYS E 123 -8.52 9.69 18.73
C CYS E 123 -9.45 10.76 18.12
N LEU E 124 -10.51 10.31 17.45
CA LEU E 124 -11.49 11.22 16.81
C LEU E 124 -12.75 11.54 17.64
N PHE E 125 -13.33 12.73 17.44
CA PHE E 125 -14.53 13.17 18.16
C PHE E 125 -15.52 13.96 17.29
N VAL E 126 -16.10 13.38 16.26
CA VAL E 126 -17.04 14.16 15.44
C VAL E 126 -18.07 14.86 16.34
N THR E 127 -17.77 16.08 16.77
CA THR E 127 -18.69 16.83 17.65
C THR E 127 -19.42 17.96 16.91
N PHE E 128 -20.56 18.42 17.47
CA PHE E 128 -21.36 19.50 16.87
C PHE E 128 -21.75 20.51 17.94
N PRO E 129 -21.43 21.79 17.75
CA PRO E 129 -20.75 22.27 16.58
C PRO E 129 -19.35 22.71 16.97
N GLN E 130 -18.40 21.78 16.93
CA GLN E 130 -17.02 22.09 17.28
C GLN E 130 -16.02 21.63 16.23
N GLY E 131 -16.47 20.81 15.29
CA GLY E 131 -15.59 20.30 14.24
C GLY E 131 -15.04 18.96 14.68
N SER E 132 -14.33 18.27 13.80
CA SER E 132 -13.79 16.97 14.18
C SER E 132 -12.44 17.11 14.89
N ARG E 133 -12.42 16.77 16.18
CA ARG E 133 -11.21 16.85 17.00
C ARG E 133 -10.36 15.58 16.85
N SER E 134 -9.03 15.74 16.86
CA SER E 134 -8.16 14.57 16.73
C SER E 134 -6.77 14.66 17.35
N VAL E 135 -6.44 13.69 18.21
CA VAL E 135 -5.14 13.65 18.88
C VAL E 135 -4.39 12.38 18.47
N ASP E 136 -3.07 12.45 18.38
CA ASP E 136 -2.24 11.30 17.99
C ASP E 136 -1.44 10.71 19.16
N ILE E 137 -1.45 9.23 20.23
CA ILE E 137 -0.82 8.37 21.28
C ILE E 137 0.20 7.37 20.71
N TRP E 138 1.43 7.43 21.23
CA TRP E 138 2.51 6.55 20.80
C TRP E 138 2.14 5.33 21.66
N LEU E 139 1.92 4.15 21.12
CA LEU E 139 1.59 3.07 22.04
C LEU E 139 2.88 2.27 22.11
N ARG E 140 3.73 2.60 23.09
CA ARG E 140 5.01 1.93 23.28
C ARG E 140 4.91 0.70 24.19
N VAL E 141 4.91 -0.47 23.57
CA VAL E 141 4.81 -1.77 24.26
C VAL E 141 6.15 -2.27 24.81
N LEU E 142 6.26 -2.41 26.14
CA LEU E 142 7.50 -2.88 26.78
C LEU E 142 7.33 -4.13 27.67
N ALA E 143 8.38 -4.93 27.78
CA ALA E 143 8.35 -6.16 28.60
C ALA E 143 9.43 -6.24 29.69
N LYS E 144 9.01 -6.60 30.90
CA LYS E 144 9.90 -6.73 32.06
C LYS E 144 10.68 -8.04 32.03
N PRO E 145 12.01 -7.95 31.83
CA PRO E 145 12.86 -9.12 31.78
C PRO E 145 13.59 -9.44 33.09
N GLN E 146 13.77 -10.72 33.38
CA GLN E 146 14.46 -11.14 34.60
C GLN E 146 15.88 -11.61 34.25
N ASN E 147 16.79 -11.50 35.20
CA ASN E 147 18.19 -11.90 34.95
C ASN E 147 19.02 -12.74 35.95
N THR E 148 20.13 -13.29 35.44
CA THR E 148 21.07 -14.12 36.22
C THR E 148 22.54 -13.67 36.19
N ALA E 149 23.42 -14.52 36.76
CA ALA E 149 24.86 -14.25 36.81
C ALA E 149 25.65 -15.32 37.61
N GLU E 150 26.54 -16.06 36.94
CA GLU E 150 27.31 -17.08 37.65
C GLU E 150 28.75 -16.58 37.72
N VAL E 151 29.65 -17.45 38.15
CA VAL E 151 31.07 -17.13 38.27
C VAL E 151 31.85 -18.17 37.48
N GLN E 152 32.57 -17.73 36.45
CA GLN E 152 33.37 -18.62 35.62
C GLN E 152 34.72 -18.91 36.28
N LYS E 153 34.81 -20.07 36.93
CA LYS E 153 36.02 -20.52 37.63
C LYS E 153 37.22 -20.41 36.67
N VAL E 154 38.39 -20.01 37.17
CA VAL E 154 39.56 -19.89 36.29
C VAL E 154 40.95 -20.21 36.87
N GLN E 155 41.82 -20.76 36.01
CA GLN E 155 43.20 -21.12 36.37
C GLN E 155 44.07 -19.87 36.22
N LEU E 156 45.38 -20.06 36.16
CA LEU E 156 46.31 -18.92 36.01
C LEU E 156 46.86 -18.74 34.60
N THR E 157 45.97 -18.63 33.61
CA THR E 157 46.38 -18.46 32.22
C THR E 157 46.98 -17.07 32.02
N GLY E 158 47.76 -16.91 30.95
CA GLY E 158 48.39 -15.64 30.64
C GLY E 158 47.40 -14.57 30.19
N GLU E 159 46.54 -14.95 29.25
CA GLU E 159 45.53 -14.01 28.72
C GLU E 159 44.29 -13.72 29.57
N PRO E 160 43.66 -12.58 29.28
CA PRO E 160 42.45 -12.07 29.93
C PRO E 160 41.26 -12.91 29.50
N VAL E 161 40.70 -13.67 30.43
CA VAL E 161 39.55 -14.52 30.12
C VAL E 161 38.32 -14.13 30.93
N PRO E 162 37.13 -14.60 30.50
CA PRO E 162 35.89 -14.29 31.20
C PRO E 162 35.86 -14.94 32.58
N MET E 163 35.71 -14.12 33.63
CA MET E 163 35.67 -14.63 34.99
C MET E 163 34.27 -14.52 35.63
N ALA E 164 33.37 -13.80 34.96
CA ALA E 164 32.01 -13.62 35.48
C ALA E 164 31.02 -13.27 34.36
N ARG E 165 29.90 -14.00 34.32
CA ARG E 165 28.85 -13.79 33.31
C ARG E 165 27.58 -13.19 33.93
N CYS E 166 26.88 -12.35 33.18
CA CYS E 166 25.65 -11.71 33.66
C CYS E 166 24.68 -11.71 32.47
N VAL E 167 23.44 -12.15 32.67
CA VAL E 167 22.45 -12.19 31.58
C VAL E 167 21.02 -11.76 31.90
N SER E 168 20.46 -10.91 31.04
CA SER E 168 19.09 -10.39 31.20
C SER E 168 18.22 -10.87 30.04
N THR E 169 17.51 -11.98 30.24
CA THR E 169 16.63 -12.56 29.22
C THR E 169 15.21 -11.97 29.10
N GLY E 170 14.77 -11.78 27.86
CA GLY E 170 13.44 -11.24 27.56
C GLY E 170 13.19 -9.75 27.77
N GLY E 171 14.09 -8.91 27.27
CA GLY E 171 13.95 -7.45 27.42
C GLY E 171 13.20 -6.70 26.33
N ARG E 172 12.54 -5.62 26.73
CA ARG E 172 11.75 -4.76 25.84
C ARG E 172 11.50 -3.40 26.49
N PRO E 173 12.33 -2.41 26.15
CA PRO E 173 13.43 -2.59 25.21
C PRO E 173 14.60 -3.31 25.86
N PRO E 174 15.69 -3.51 25.11
CA PRO E 174 16.87 -4.21 25.65
C PRO E 174 17.35 -3.52 26.93
N ALA E 175 17.94 -4.30 27.84
CA ALA E 175 18.43 -3.76 29.11
C ALA E 175 19.89 -3.27 29.08
N GLN E 176 20.21 -2.39 30.03
CA GLN E 176 21.53 -1.79 30.19
C GLN E 176 22.32 -2.50 31.28
N ILE E 177 23.40 -3.19 30.88
CA ILE E 177 24.23 -3.92 31.84
C ILE E 177 25.59 -3.28 32.08
N THR E 178 25.86 -2.90 33.33
CA THR E 178 27.12 -2.28 33.71
C THR E 178 27.77 -3.01 34.89
N TRP E 179 29.08 -2.93 34.99
CA TRP E 179 29.82 -3.59 36.08
C TRP E 179 30.47 -2.58 37.04
N HIS E 180 30.49 -2.92 38.33
CA HIS E 180 31.08 -2.06 39.36
C HIS E 180 31.87 -2.89 40.37
N SER E 181 33.08 -2.44 40.70
CA SER E 181 33.93 -3.15 41.67
C SER E 181 35.26 -2.40 41.91
N ASP E 182 35.95 -2.75 43.00
CA ASP E 182 37.23 -2.11 43.33
C ASP E 182 38.35 -2.48 42.35
N LEU E 183 38.12 -3.53 41.58
CA LEU E 183 39.11 -4.00 40.60
C LEU E 183 38.56 -4.14 39.18
N GLY E 184 38.20 -3.00 38.58
CA GLY E 184 37.65 -2.98 37.21
C GLY E 184 38.51 -3.58 36.12
N GLY E 185 37.86 -4.05 35.05
CA GLY E 185 38.57 -4.66 33.92
C GLY E 185 37.98 -4.31 32.55
N MET E 186 37.58 -5.34 31.80
CA MET E 186 37.00 -5.19 30.46
C MET E 186 35.72 -5.97 30.21
N PRO E 187 34.58 -5.27 30.13
CA PRO E 187 33.29 -5.90 29.89
C PRO E 187 32.95 -5.99 28.40
N ASN E 188 32.58 -7.19 27.94
CA ASN E 188 32.23 -7.40 26.55
C ASN E 188 30.79 -7.91 26.43
N THR E 189 29.91 -7.04 25.94
CA THR E 189 28.48 -7.34 25.77
C THR E 189 28.03 -7.79 24.37
N SER E 190 26.92 -8.53 24.34
CA SER E 190 26.33 -9.06 23.10
C SER E 190 24.85 -9.38 23.34
N GLN E 191 24.06 -9.50 22.26
CA GLN E 191 22.63 -9.80 22.43
C GLN E 191 21.97 -10.55 21.27
N VAL E 192 21.07 -11.48 21.61
CA VAL E 192 20.34 -12.29 20.61
C VAL E 192 18.83 -12.04 20.78
N PRO E 193 18.05 -12.24 19.71
CA PRO E 193 16.61 -12.03 19.82
C PRO E 193 15.99 -12.83 20.97
N GLY E 194 14.97 -12.27 21.60
CA GLY E 194 14.28 -12.92 22.73
C GLY E 194 13.25 -13.96 22.32
N PHE E 195 12.35 -14.29 23.25
CA PHE E 195 11.29 -15.27 22.97
C PHE E 195 10.04 -14.65 22.33
N LEU E 196 9.46 -13.62 22.95
CA LEU E 196 8.28 -12.99 22.36
C LEU E 196 8.80 -11.98 21.35
N SER E 197 8.15 -11.86 20.21
CA SER E 197 8.59 -10.91 19.19
C SER E 197 8.74 -9.51 19.79
N GLY E 198 9.89 -8.88 19.54
CA GLY E 198 10.15 -7.54 20.06
C GLY E 198 11.09 -7.51 21.25
N THR E 199 11.26 -8.65 21.91
CA THR E 199 12.14 -8.75 23.08
C THR E 199 13.58 -9.06 22.69
N VAL E 200 14.49 -8.85 23.63
CA VAL E 200 15.91 -9.11 23.39
C VAL E 200 16.63 -9.54 24.68
N THR E 201 17.46 -10.57 24.57
CA THR E 201 18.21 -11.07 25.73
C THR E 201 19.68 -10.64 25.63
N VAL E 202 20.12 -9.82 26.58
CA VAL E 202 21.50 -9.34 26.59
C VAL E 202 22.38 -10.23 27.46
N THR E 203 23.54 -10.63 26.92
CA THR E 203 24.48 -11.48 27.65
C THR E 203 25.85 -10.81 27.74
N SER E 204 26.18 -10.28 28.91
CA SER E 204 27.47 -9.60 29.11
C SER E 204 28.42 -10.34 30.06
N LEU E 205 29.67 -10.50 29.63
CA LEU E 205 30.70 -11.18 30.43
C LEU E 205 31.85 -10.22 30.80
N TRP E 206 32.31 -10.31 32.05
CA TRP E 206 33.39 -9.47 32.57
C TRP E 206 34.78 -10.14 32.46
N ILE E 207 35.57 -9.68 31.49
CA ILE E 207 36.92 -10.22 31.23
C ILE E 207 38.07 -9.53 32.00
N LEU E 208 39.01 -10.34 32.48
CA LEU E 208 40.17 -9.86 33.23
C LEU E 208 41.34 -10.85 33.23
N VAL E 209 42.54 -10.36 33.50
CA VAL E 209 43.73 -11.21 33.52
C VAL E 209 43.78 -11.77 34.95
N PRO E 210 43.54 -13.08 35.10
CA PRO E 210 43.55 -13.78 36.39
C PRO E 210 44.78 -13.57 37.28
N SER E 211 44.53 -13.39 38.58
CA SER E 211 45.60 -13.18 39.57
C SER E 211 45.16 -13.58 40.98
N SER E 212 46.03 -14.29 41.69
CA SER E 212 45.80 -14.77 43.05
C SER E 212 45.08 -13.87 44.07
N GLN E 213 45.44 -12.58 44.15
CA GLN E 213 44.78 -11.70 45.12
C GLN E 213 43.31 -11.35 44.82
N VAL E 214 42.78 -11.82 43.71
CA VAL E 214 41.39 -11.52 43.35
C VAL E 214 40.43 -12.61 43.83
N ASP E 215 40.96 -13.79 44.12
CA ASP E 215 40.13 -14.90 44.58
C ASP E 215 39.39 -14.46 45.84
N GLY E 216 38.07 -14.65 45.87
CA GLY E 216 37.28 -14.26 47.03
C GLY E 216 36.65 -12.87 46.97
N LYS E 217 37.22 -12.00 46.12
CA LYS E 217 36.72 -10.62 45.96
C LYS E 217 35.35 -10.50 45.27
N ASN E 218 34.64 -9.40 45.55
CA ASN E 218 33.32 -9.14 44.96
C ASN E 218 33.29 -8.31 43.68
N VAL E 219 32.40 -8.71 42.77
CA VAL E 219 32.20 -8.06 41.48
C VAL E 219 30.67 -7.96 41.37
N THR E 220 30.17 -6.75 41.09
CA THR E 220 28.72 -6.55 40.98
C THR E 220 28.20 -6.16 39.58
N CYS E 221 27.14 -6.84 39.13
CA CYS E 221 26.55 -6.56 37.82
C CYS E 221 25.29 -5.72 38.06
N LYS E 222 25.16 -4.61 37.33
CA LYS E 222 23.98 -3.76 37.49
C LYS E 222 23.07 -3.74 36.26
N VAL E 223 21.93 -4.42 36.38
CA VAL E 223 20.95 -4.50 35.30
C VAL E 223 19.94 -3.38 35.53
N GLU E 224 19.92 -2.41 34.62
CA GLU E 224 19.00 -1.28 34.73
C GLU E 224 18.02 -1.27 33.55
N HIS E 225 16.73 -1.13 33.83
CA HIS E 225 15.70 -1.12 32.77
C HIS E 225 14.53 -0.23 33.22
N GLU E 226 13.88 0.47 32.28
CA GLU E 226 12.74 1.34 32.61
C GLU E 226 11.49 0.67 33.18
N SER E 227 11.58 -0.60 33.56
CA SER E 227 10.41 -1.27 34.11
C SER E 227 10.56 -1.74 35.56
N PHE E 228 11.75 -1.62 36.14
CA PHE E 228 11.91 -2.07 37.53
C PHE E 228 11.68 -0.89 38.47
N GLU E 229 11.54 -1.18 39.76
CA GLU E 229 11.31 -0.14 40.76
C GLU E 229 12.61 0.67 40.86
N LYS E 230 13.74 -0.05 40.82
CA LYS E 230 15.06 0.58 40.90
C LYS E 230 16.07 -0.36 40.24
N PRO E 231 17.17 0.20 39.72
CA PRO E 231 18.18 -0.65 39.08
C PRO E 231 18.50 -1.88 39.94
N GLN E 232 18.33 -3.07 39.37
CA GLN E 232 18.62 -4.31 40.10
C GLN E 232 20.11 -4.59 40.20
N LEU E 233 20.54 -5.08 41.37
CA LEU E 233 21.96 -5.40 41.58
C LEU E 233 22.23 -6.86 41.87
N LEU E 234 23.09 -7.46 41.04
CA LEU E 234 23.47 -8.87 41.17
C LEU E 234 24.97 -8.94 41.46
N THR E 235 25.36 -9.67 42.51
CA THR E 235 26.77 -9.79 42.88
C THR E 235 27.35 -11.21 42.86
N VAL E 236 28.56 -11.34 42.32
CA VAL E 236 29.24 -12.65 42.23
C VAL E 236 30.51 -12.72 43.09
N ASN E 237 30.88 -13.94 43.49
CA ASN E 237 32.06 -14.17 44.33
C ASN E 237 33.18 -14.89 43.58
N LEU E 238 34.03 -14.11 42.91
CA LEU E 238 35.17 -14.62 42.13
C LEU E 238 35.86 -15.87 42.69
N THR E 239 36.45 -16.65 41.79
CA THR E 239 37.15 -17.88 42.15
C THR E 239 38.35 -18.12 41.24
N VAL E 240 39.54 -18.26 41.85
CA VAL E 240 40.77 -18.49 41.10
C VAL E 240 41.65 -19.55 41.79
N TYR E 241 41.95 -20.63 41.09
CA TYR E 241 42.79 -21.70 41.63
C TYR E 241 44.26 -21.37 41.40
N TYR E 242 45.10 -21.57 42.41
CA TYR E 242 46.53 -21.28 42.29
C TYR E 242 47.43 -22.01 43.29
N PRO E 243 48.75 -22.06 43.01
CA PRO E 243 49.72 -22.73 43.88
C PRO E 243 49.89 -21.92 45.17
N PRO E 244 50.42 -22.56 46.23
CA PRO E 244 50.61 -21.89 47.52
C PRO E 244 51.69 -20.80 47.56
N GLU E 245 51.34 -19.66 48.17
CA GLU E 245 52.24 -18.52 48.33
C GLU E 245 52.56 -18.56 49.81
N VAL E 246 53.80 -18.91 50.16
CA VAL E 246 54.24 -19.01 51.56
C VAL E 246 55.19 -17.96 52.16
N SER E 247 55.09 -17.81 53.48
CA SER E 247 55.90 -16.89 54.27
C SER E 247 55.91 -17.38 55.73
N ILE E 248 56.92 -16.97 56.51
CA ILE E 248 57.02 -17.39 57.92
C ILE E 248 57.07 -16.21 58.89
N SER E 249 56.20 -16.23 59.91
CA SER E 249 56.16 -15.15 60.90
C SER E 249 56.31 -15.64 62.36
N GLY E 250 56.75 -14.72 63.23
CA GLY E 250 56.94 -15.03 64.65
C GLY E 250 58.36 -14.85 65.17
N TYR E 251 59.18 -14.12 64.40
CA TYR E 251 60.58 -13.87 64.78
C TYR E 251 61.03 -12.41 64.92
N ASP E 252 61.39 -12.03 66.15
CA ASP E 252 61.85 -10.68 66.44
C ASP E 252 63.31 -10.86 66.84
N ASN E 253 64.22 -10.49 65.94
CA ASN E 253 65.65 -10.61 66.20
C ASN E 253 66.13 -10.62 67.65
N ASN E 254 65.22 -10.54 68.63
CA ASN E 254 65.66 -10.54 70.03
C ASN E 254 65.54 -11.81 70.88
N TRP E 255 65.91 -12.91 70.24
CA TRP E 255 65.95 -14.31 70.74
C TRP E 255 67.25 -14.56 71.50
N TYR E 256 67.17 -14.81 72.82
CA TYR E 256 68.40 -15.06 73.58
C TYR E 256 68.40 -16.43 74.29
N LEU E 257 69.54 -16.76 74.90
CA LEU E 257 69.70 -18.03 75.63
C LEU E 257 68.81 -18.15 76.86
N GLY E 258 68.20 -19.32 77.03
CA GLY E 258 67.32 -19.60 78.17
C GLY E 258 65.96 -18.92 78.22
N GLN E 259 65.42 -18.52 77.08
CA GLN E 259 64.12 -17.88 77.04
C GLN E 259 63.02 -18.94 77.11
N ASN E 260 61.76 -18.51 77.09
CA ASN E 260 60.64 -19.45 77.15
C ASN E 260 60.24 -19.91 75.75
N GLU E 261 59.52 -21.02 75.67
CA GLU E 261 59.07 -21.58 74.39
C GLU E 261 58.36 -20.61 73.44
N ALA E 262 59.03 -20.27 72.34
CA ALA E 262 58.49 -19.36 71.33
C ALA E 262 58.10 -20.22 70.14
N THR E 263 56.96 -19.92 69.51
CA THR E 263 56.51 -20.71 68.36
C THR E 263 56.23 -19.88 67.10
N LEU E 264 56.66 -20.39 65.94
CA LEU E 264 56.46 -19.69 64.67
C LEU E 264 55.34 -20.35 63.85
N THR E 265 54.69 -19.58 62.99
CA THR E 265 53.61 -20.08 62.15
C THR E 265 53.99 -19.99 60.67
N CYS E 266 53.61 -21.00 59.88
CA CYS E 266 53.93 -21.00 58.45
C CYS E 266 52.72 -20.54 57.67
N ASP E 267 52.58 -19.21 57.56
CA ASP E 267 51.49 -18.57 56.83
C ASP E 267 51.44 -19.02 55.37
N ALA E 268 50.28 -19.50 54.92
CA ALA E 268 50.13 -19.96 53.55
C ALA E 268 48.72 -19.78 52.99
N ARG E 269 48.60 -19.05 51.88
CA ARG E 269 47.32 -18.79 51.22
C ARG E 269 47.24 -19.35 49.79
N SER E 270 46.40 -20.35 49.60
CA SER E 270 46.22 -20.98 48.29
C SER E 270 44.77 -21.43 48.06
N ASN E 271 44.49 -21.96 46.88
CA ASN E 271 43.15 -22.43 46.53
C ASN E 271 43.26 -23.60 45.56
N PRO E 272 42.70 -24.74 45.94
CA PRO E 272 41.99 -24.89 47.22
C PRO E 272 42.94 -25.10 48.40
N GLU E 273 42.43 -24.95 49.62
CA GLU E 273 43.21 -25.13 50.83
C GLU E 273 44.31 -26.19 50.71
N PRO E 274 45.49 -25.91 51.30
CA PRO E 274 46.65 -26.79 51.28
C PRO E 274 46.36 -28.15 51.91
N THR E 275 46.94 -29.20 51.35
CA THR E 275 46.74 -30.55 51.87
C THR E 275 47.85 -31.04 52.81
N GLY E 276 49.04 -30.47 52.69
CA GLY E 276 50.15 -30.88 53.56
C GLY E 276 51.31 -29.92 53.80
N TYR E 277 51.77 -29.91 55.06
CA TYR E 277 52.89 -29.06 55.51
C TYR E 277 54.13 -29.89 55.87
N ASN E 278 55.31 -29.35 55.57
CA ASN E 278 56.58 -30.04 55.87
C ASN E 278 57.77 -29.16 56.28
N TRP E 279 58.26 -29.37 57.50
CA TRP E 279 59.40 -28.61 58.04
C TRP E 279 60.77 -29.30 57.89
N SER E 280 61.76 -28.52 57.48
CA SER E 280 63.13 -29.00 57.28
C SER E 280 64.10 -27.82 57.35
N THR E 281 65.40 -28.10 57.41
CA THR E 281 66.41 -27.05 57.46
C THR E 281 67.31 -27.02 56.23
N THR E 282 68.06 -25.93 56.07
CA THR E 282 68.96 -25.78 54.93
C THR E 282 70.12 -26.76 55.02
N MET E 283 70.18 -27.47 56.14
CA MET E 283 71.24 -28.45 56.38
C MET E 283 70.72 -29.88 56.30
N GLY E 284 69.41 -30.04 56.11
CA GLY E 284 68.80 -31.36 56.02
C GLY E 284 67.72 -31.59 57.06
N PRO E 285 68.06 -32.30 58.14
CA PRO E 285 67.13 -32.62 59.22
C PRO E 285 67.05 -31.50 60.27
N LEU E 286 65.86 -31.31 60.84
CA LEU E 286 65.62 -30.29 61.85
C LEU E 286 66.47 -30.47 63.12
N PRO E 287 67.03 -29.35 63.63
CA PRO E 287 67.84 -29.44 64.84
C PRO E 287 66.97 -29.96 65.97
N PRO E 288 67.57 -30.56 67.00
CA PRO E 288 66.81 -31.10 68.13
C PRO E 288 65.99 -30.10 68.98
N PHE E 289 66.36 -28.82 68.98
CA PHE E 289 65.59 -27.86 69.79
C PHE E 289 64.29 -27.45 69.09
N ALA E 290 64.23 -27.64 67.78
CA ALA E 290 63.04 -27.28 67.02
C ALA E 290 62.13 -28.46 66.66
N VAL E 291 61.05 -28.62 67.40
CA VAL E 291 60.08 -29.70 67.17
C VAL E 291 58.91 -29.21 66.33
N ALA E 292 58.64 -29.90 65.23
CA ALA E 292 57.54 -29.54 64.34
C ALA E 292 56.14 -29.90 64.84
N GLN E 293 55.21 -28.97 64.68
CA GLN E 293 53.81 -29.15 65.10
C GLN E 293 52.85 -28.72 64.00
N GLY E 294 52.52 -29.65 63.11
CA GLY E 294 51.59 -29.35 62.01
C GLY E 294 52.08 -28.20 61.16
N ALA E 295 51.32 -27.11 61.15
CA ALA E 295 51.66 -25.92 60.37
C ALA E 295 52.48 -24.90 61.17
N GLN E 296 52.99 -25.32 62.32
CA GLN E 296 53.79 -24.44 63.18
C GLN E 296 55.04 -25.18 63.66
N LEU E 297 56.06 -24.43 64.10
CA LEU E 297 57.29 -25.05 64.59
C LEU E 297 57.64 -24.44 65.95
N LEU E 298 57.68 -25.28 66.98
CA LEU E 298 57.99 -24.84 68.34
C LEU E 298 59.50 -24.79 68.65
N ILE E 299 59.97 -23.62 69.08
CA ILE E 299 61.38 -23.40 69.40
C ILE E 299 61.67 -23.40 70.91
N ARG E 300 62.27 -24.49 71.40
CA ARG E 300 62.61 -24.63 72.82
C ARG E 300 63.82 -23.79 73.23
N PRO E 301 64.13 -23.77 74.53
CA PRO E 301 65.26 -23.01 75.07
C PRO E 301 66.61 -23.61 74.68
N VAL E 302 67.57 -22.77 74.31
CA VAL E 302 68.89 -23.22 73.91
C VAL E 302 69.93 -23.07 75.01
N ASP E 303 70.85 -24.03 75.11
CA ASP E 303 71.89 -24.01 76.11
C ASP E 303 73.12 -23.27 75.56
N LYS E 304 73.28 -23.32 74.25
CA LYS E 304 74.40 -22.68 73.55
C LYS E 304 73.92 -22.07 72.21
N PRO E 305 74.52 -20.93 71.81
CA PRO E 305 74.19 -20.19 70.57
C PRO E 305 74.15 -21.06 69.29
N ILE E 306 73.12 -20.85 68.46
CA ILE E 306 72.97 -21.61 67.21
C ILE E 306 72.46 -20.81 66.01
N ASN E 307 72.67 -21.36 64.81
CA ASN E 307 72.26 -20.76 63.54
C ASN E 307 71.63 -21.81 62.62
N THR E 308 70.51 -21.46 61.99
CA THR E 308 69.83 -22.39 61.09
C THR E 308 68.77 -21.70 60.22
N THR E 309 68.89 -21.88 58.90
CA THR E 309 67.95 -21.29 57.96
C THR E 309 66.84 -22.32 57.78
N LEU E 310 65.61 -21.95 58.14
CA LEU E 310 64.46 -22.86 58.01
C LEU E 310 63.73 -22.86 56.67
N ILE E 311 63.13 -24.00 56.33
CA ILE E 311 62.39 -24.18 55.08
C ILE E 311 61.01 -24.83 55.30
N CYS E 312 59.95 -24.16 54.83
CA CYS E 312 58.58 -24.68 54.99
C CYS E 312 58.03 -25.07 53.61
N ASN E 313 58.07 -26.36 53.30
CA ASN E 313 57.58 -26.90 52.03
C ASN E 313 56.08 -27.21 52.10
N VAL E 314 55.26 -26.38 51.46
CA VAL E 314 53.80 -26.57 51.47
C VAL E 314 53.26 -27.22 50.18
N THR E 315 52.35 -28.18 50.34
CA THR E 315 51.75 -28.89 49.20
C THR E 315 50.22 -28.90 49.15
N ASN E 316 49.64 -28.32 48.09
CA ASN E 316 48.18 -28.32 47.98
C ASN E 316 47.82 -29.20 46.78
N ALA E 317 46.54 -29.21 46.42
CA ALA E 317 46.07 -30.02 45.29
C ALA E 317 46.59 -29.65 43.89
N LEU E 318 47.27 -28.52 43.74
CA LEU E 318 47.79 -28.13 42.43
C LEU E 318 49.31 -28.19 42.30
N GLY E 319 50.03 -27.94 43.40
CA GLY E 319 51.49 -27.97 43.38
C GLY E 319 52.14 -27.91 44.76
N ALA E 320 53.42 -27.56 44.80
CA ALA E 320 54.17 -27.46 46.06
C ALA E 320 55.21 -26.34 46.07
N ARG E 321 55.03 -25.35 46.94
CA ARG E 321 55.96 -24.21 47.03
C ARG E 321 56.78 -24.20 48.34
N GLN E 322 57.47 -23.08 48.62
CA GLN E 322 58.28 -22.99 49.85
C GLN E 322 58.95 -21.64 50.20
N ALA E 323 59.09 -21.38 51.51
CA ALA E 323 59.71 -20.14 52.01
C ALA E 323 61.08 -20.37 52.66
N GLU E 324 61.84 -19.29 52.88
CA GLU E 324 63.18 -19.41 53.48
C GLU E 324 63.20 -18.51 54.74
N LEU E 325 64.19 -18.65 55.63
CA LEU E 325 64.27 -17.81 56.85
C LEU E 325 65.40 -18.13 57.85
N THR E 326 66.32 -17.19 58.03
CA THR E 326 67.45 -17.36 58.97
C THR E 326 67.11 -16.84 60.36
N VAL E 327 67.44 -17.61 61.39
CA VAL E 327 67.17 -17.23 62.79
C VAL E 327 68.40 -17.35 63.71
N GLN E 328 68.57 -16.38 64.61
CA GLN E 328 69.70 -16.36 65.54
C GLN E 328 69.31 -16.22 67.03
N VAL E 329 70.21 -16.67 67.91
CA VAL E 329 70.01 -16.62 69.37
C VAL E 329 71.36 -16.27 70.02
N LYS E 330 71.47 -15.11 70.68
CA LYS E 330 72.74 -14.73 71.31
C LYS E 330 72.57 -14.85 72.83
N GLU E 331 73.27 -13.93 73.51
CA GLU E 331 73.29 -13.79 74.96
C GLU E 331 72.92 -12.36 75.31
N GLY E 332 73.71 -11.40 74.82
CA GLY E 332 73.47 -9.99 75.06
C GLY E 332 73.36 -9.65 76.54
N PRO E 333 72.31 -8.89 76.91
CA PRO E 333 72.09 -8.49 78.29
C PRO E 333 71.83 -9.69 79.19
#